data_8RTV
#
_entry.id   8RTV
#
_cell.length_a   62.334
_cell.length_b   97.176
_cell.length_c   135.688
_cell.angle_alpha   90
_cell.angle_beta   90
_cell.angle_gamma   90
#
_symmetry.space_group_name_H-M   'P 21 21 21'
#
loop_
_entity.id
_entity.type
_entity.pdbx_description
1 polymer 'Cytochrome P450-family protein'
2 non-polymer 'PROTOPORPHYRIN IX CONTAINING FE'
3 non-polymer 4-PHENYL-1H-IMIDAZOLE
4 water water
#
_entity_poly.entity_id   1
_entity_poly.type   'polypeptide(L)'
_entity_poly.pdbx_seq_one_letter_code
;RPHTVYLDPAKGVDIPAQRRELLDKGPVVRVAFPGNLEVWALTHDAPLRNALADESVFVRGWRNWRALMAGEVDPTHPVA
NMLRVESMLARSGADHKRMRGLVQAAFTRRRVEALRPRIEEITNELLDRMAESDGVVDLKAAYSFPLPIRVISELLGLNE
EDHLTLQTLVTRTLSGTDPEANADAFTFVASLIEAKRKNLDDGLISAMIEARAEDGDRLSETELIHNTLLLIIGGFETTM
GMISNSVQLLLTHPDQLHLLRTGQASWENAIEECLRFESAVVMLPFLYTTRDVEIDGITIPAGDAVLIGFGPANRDPQAY
DDPDRFDITRPRPRHLAFGHGAHLCLGAALARLELLIALPALFERFPDITLVGEAPPTPTVFMNHPLSRPVLLRK
;
_entity_poly.pdbx_strand_id   A,B
#
# COMPACT_ATOMS: atom_id res chain seq x y z
N ARG A 1 28.76 26.89 3.99
CA ARG A 1 28.46 25.54 3.41
C ARG A 1 27.17 24.98 4.01
N PRO A 2 26.21 24.50 3.17
CA PRO A 2 24.92 24.00 3.68
C PRO A 2 25.10 22.69 4.43
N HIS A 3 24.14 22.41 5.33
CA HIS A 3 24.01 21.14 6.02
C HIS A 3 23.45 20.13 5.02
N THR A 4 23.48 18.84 5.37
CA THR A 4 22.85 17.82 4.55
C THR A 4 21.85 17.03 5.39
N VAL A 5 20.70 16.74 4.78
CA VAL A 5 19.71 15.85 5.37
C VAL A 5 19.60 14.62 4.48
N TYR A 6 19.91 13.43 5.06
CA TYR A 6 19.77 12.16 4.36
C TYR A 6 18.37 11.59 4.57
N LEU A 7 17.67 11.32 3.47
CA LEU A 7 16.33 10.76 3.56
C LEU A 7 16.29 9.40 2.87
N ASP A 8 15.64 8.42 3.52
CA ASP A 8 15.41 7.12 2.92
C ASP A 8 14.06 6.60 3.40
N PRO A 9 12.95 6.77 2.62
CA PRO A 9 11.62 6.35 3.06
C PRO A 9 11.43 4.85 3.28
N ALA A 10 12.29 4.04 2.63
CA ALA A 10 12.29 2.60 2.82
C ALA A 10 12.68 2.27 4.27
N LYS A 11 13.52 3.09 4.93
CA LYS A 11 13.81 2.90 6.35
C LYS A 11 12.81 3.64 7.25
N GLY A 12 11.57 3.85 6.82
CA GLY A 12 10.51 4.35 7.69
C GLY A 12 10.43 5.87 7.64
N VAL A 13 9.21 6.40 7.41
CA VAL A 13 8.99 7.82 7.25
C VAL A 13 8.47 8.40 8.57
N ASP A 14 9.00 9.59 8.92
CA ASP A 14 8.55 10.36 10.06
C ASP A 14 8.50 11.84 9.65
N ILE A 15 7.35 12.23 9.10
CA ILE A 15 7.18 13.60 8.62
C ILE A 15 7.45 14.62 9.73
N PRO A 16 6.87 14.51 10.95
CA PRO A 16 7.17 15.47 12.02
C PRO A 16 8.65 15.71 12.24
N ALA A 17 9.43 14.61 12.34
CA ALA A 17 10.87 14.70 12.51
C ALA A 17 11.52 15.35 11.26
N GLN A 18 11.05 14.92 10.09
CA GLN A 18 11.63 15.36 8.83
C GLN A 18 11.45 16.87 8.69
N ARG A 19 10.24 17.37 9.04
CA ARG A 19 9.96 18.78 8.95
C ARG A 19 10.86 19.56 9.90
N ARG A 20 11.01 19.07 11.14
CA ARG A 20 11.86 19.72 12.12
C ARG A 20 13.30 19.80 11.60
N GLU A 21 13.83 18.69 11.08
CA GLU A 21 15.22 18.67 10.62
C GLU A 21 15.43 19.66 9.47
N LEU A 22 14.52 19.64 8.49
CA LEU A 22 14.60 20.49 7.31
C LEU A 22 14.57 21.97 7.71
N LEU A 23 13.65 22.32 8.65
CA LEU A 23 13.53 23.69 9.10
C LEU A 23 14.79 24.11 9.85
N ASP A 24 15.18 23.28 10.84
CA ASP A 24 16.30 23.58 11.71
C ASP A 24 17.58 23.77 10.91
N LYS A 25 17.78 23.04 9.81
CA LYS A 25 19.07 23.12 9.13
C LYS A 25 19.21 24.36 8.23
N GLY A 26 18.88 25.55 8.80
CA GLY A 26 18.92 26.86 8.14
C GLY A 26 17.94 26.82 6.99
N PRO A 27 17.67 27.95 6.31
CA PRO A 27 16.71 27.97 5.20
C PRO A 27 17.14 27.20 3.94
N VAL A 28 18.46 27.13 3.73
CA VAL A 28 18.98 26.50 2.52
C VAL A 28 19.74 25.26 2.95
N VAL A 29 19.28 24.08 2.53
CA VAL A 29 19.89 22.83 2.95
C VAL A 29 20.03 21.90 1.76
N ARG A 30 20.96 20.95 1.87
CA ARG A 30 21.07 19.88 0.88
C ARG A 30 20.26 18.67 1.36
N VAL A 31 19.56 18.03 0.43
CA VAL A 31 18.82 16.81 0.72
C VAL A 31 19.34 15.67 -0.17
N ALA A 32 19.90 14.61 0.45
CA ALA A 32 20.40 13.42 -0.25
C ALA A 32 19.40 12.25 -0.13
N PHE A 33 19.12 11.62 -1.27
CA PHE A 33 18.29 10.44 -1.34
C PHE A 33 19.17 9.22 -1.65
N PRO A 34 18.66 7.98 -1.49
CA PRO A 34 19.39 6.79 -1.91
C PRO A 34 19.62 6.79 -3.42
N GLY A 35 20.70 6.12 -3.81
CA GLY A 35 21.21 6.17 -5.16
C GLY A 35 21.98 7.47 -5.29
N ASN A 36 22.07 7.98 -6.50
CA ASN A 36 22.92 9.13 -6.75
C ASN A 36 22.01 10.34 -6.99
N LEU A 37 21.58 10.97 -5.89
CA LEU A 37 20.77 12.17 -5.99
C LEU A 37 20.89 13.00 -4.72
N GLU A 38 21.51 14.17 -4.88
CA GLU A 38 21.52 15.19 -3.84
C GLU A 38 21.10 16.52 -4.47
N VAL A 39 20.24 17.27 -3.77
CA VAL A 39 19.65 18.48 -4.33
C VAL A 39 19.54 19.50 -3.20
N TRP A 40 18.92 20.65 -3.50
CA TRP A 40 18.71 21.66 -2.49
C TRP A 40 17.27 21.60 -1.99
N ALA A 41 17.02 22.26 -0.85
CA ALA A 41 15.67 22.54 -0.40
C ALA A 41 15.66 23.91 0.28
N LEU A 42 14.57 24.66 0.04
CA LEU A 42 14.28 25.89 0.77
C LEU A 42 13.16 25.60 1.78
N THR A 43 13.40 25.89 3.06
CA THR A 43 12.60 25.29 4.13
C THR A 43 12.11 26.30 5.17
N HIS A 44 12.42 27.59 5.01
CA HIS A 44 11.85 28.67 5.82
C HIS A 44 10.82 29.45 4.99
N ASP A 45 9.84 30.02 5.68
CA ASP A 45 8.70 30.70 5.06
C ASP A 45 9.15 31.85 4.15
N ALA A 46 9.99 32.77 4.68
CA ALA A 46 10.28 34.01 3.96
C ALA A 46 11.08 33.74 2.66
N PRO A 47 12.24 33.05 2.71
CA PRO A 47 12.95 32.73 1.46
C PRO A 47 12.15 31.87 0.48
N LEU A 48 11.32 30.95 1.01
CA LEU A 48 10.52 30.08 0.16
C LEU A 48 9.47 30.90 -0.56
N ARG A 49 8.78 31.77 0.17
CA ARG A 49 7.73 32.58 -0.43
C ARG A 49 8.33 33.44 -1.53
N ASN A 50 9.52 33.98 -1.24
CA ASN A 50 10.20 34.89 -2.15
C ASN A 50 10.59 34.16 -3.45
N ALA A 51 11.16 32.96 -3.31
CA ALA A 51 11.46 32.11 -4.46
C ALA A 51 10.22 31.85 -5.30
N LEU A 52 9.13 31.47 -4.63
CA LEU A 52 7.90 31.03 -5.30
C LEU A 52 7.20 32.17 -6.06
N ALA A 53 7.44 33.41 -5.64
CA ALA A 53 6.88 34.59 -6.28
C ALA A 53 7.77 35.09 -7.42
N ASP A 54 9.01 34.61 -7.51
CA ASP A 54 9.95 35.16 -8.47
C ASP A 54 10.26 34.14 -9.56
N GLU A 55 9.45 34.09 -10.61
CA GLU A 55 9.57 32.99 -11.54
C GLU A 55 10.66 33.23 -12.58
N SER A 56 11.15 34.47 -12.72
CA SER A 56 12.29 34.70 -13.58
C SER A 56 13.58 34.15 -12.97
N VAL A 57 13.63 33.98 -11.64
CA VAL A 57 14.82 33.49 -10.96
C VAL A 57 14.68 32.01 -10.59
N PHE A 58 13.46 31.61 -10.20
CA PHE A 58 13.17 30.22 -9.86
C PHE A 58 12.10 29.70 -10.81
N VAL A 59 12.58 29.03 -11.88
CA VAL A 59 11.75 28.58 -12.97
C VAL A 59 11.33 27.12 -12.76
N ARG A 60 10.20 26.75 -13.37
CA ARG A 60 9.77 25.35 -13.42
C ARG A 60 10.32 24.69 -14.68
N GLY A 61 10.34 23.35 -14.72
CA GLY A 61 10.55 22.60 -15.95
C GLY A 61 11.94 21.99 -16.04
N TRP A 62 11.97 20.65 -16.15
CA TRP A 62 13.18 19.85 -16.10
C TRP A 62 14.22 20.27 -17.15
N ARG A 63 13.81 20.86 -18.29
CA ARG A 63 14.81 21.26 -19.28
C ARG A 63 15.68 22.37 -18.71
N ASN A 64 15.27 22.97 -17.58
CA ASN A 64 16.07 23.99 -16.91
C ASN A 64 17.04 23.39 -15.87
N TRP A 65 17.16 22.06 -15.80
CA TRP A 65 17.97 21.44 -14.77
C TRP A 65 19.34 21.07 -15.34
N ARG A 66 20.35 21.88 -15.01
CA ARG A 66 21.65 21.78 -15.62
C ARG A 66 22.30 20.45 -15.21
N ALA A 67 22.20 20.15 -13.91
CA ALA A 67 22.86 18.99 -13.35
C ALA A 67 22.28 17.72 -13.95
N LEU A 68 21.00 17.79 -14.36
CA LEU A 68 20.36 16.64 -14.98
C LEU A 68 21.13 16.32 -16.25
N MET A 69 21.27 17.28 -17.15
CA MET A 69 21.93 17.06 -18.43
C MET A 69 23.45 16.95 -18.32
N ALA A 70 24.03 17.55 -17.29
CA ALA A 70 25.44 17.35 -16.98
C ALA A 70 25.72 15.94 -16.45
N GLY A 71 24.72 15.02 -16.48
CA GLY A 71 24.85 13.66 -15.99
C GLY A 71 25.35 13.54 -14.54
N GLU A 72 25.06 14.52 -13.67
CA GLU A 72 25.58 14.54 -12.31
C GLU A 72 24.67 13.80 -11.33
N VAL A 73 23.48 13.40 -11.79
CA VAL A 73 22.48 12.74 -10.94
C VAL A 73 21.99 11.53 -11.74
N ASP A 74 21.49 10.50 -11.05
CA ASP A 74 20.89 9.35 -11.73
C ASP A 74 19.54 9.72 -12.37
N PRO A 75 19.46 9.78 -13.72
CA PRO A 75 18.15 9.96 -14.37
C PRO A 75 17.46 8.60 -14.31
N THR A 76 16.11 8.58 -14.30
CA THR A 76 15.30 7.40 -13.96
C THR A 76 15.17 7.28 -12.44
N HIS A 77 16.03 7.98 -11.68
CA HIS A 77 15.78 8.12 -10.26
C HIS A 77 14.37 8.65 -10.10
N PRO A 78 13.50 8.00 -9.29
CA PRO A 78 12.11 8.43 -9.10
C PRO A 78 11.95 9.90 -8.72
N VAL A 79 12.83 10.42 -7.87
CA VAL A 79 12.74 11.82 -7.48
C VAL A 79 13.10 12.71 -8.67
N ALA A 80 14.09 12.30 -9.47
CA ALA A 80 14.48 13.12 -10.63
C ALA A 80 13.36 13.10 -11.67
N ASN A 81 12.55 12.04 -11.64
CA ASN A 81 11.56 11.77 -12.66
C ASN A 81 10.19 12.33 -12.29
N MET A 82 9.97 12.65 -11.00
CA MET A 82 8.61 12.92 -10.52
C MET A 82 8.00 14.09 -11.29
N LEU A 83 8.71 15.21 -11.42
CA LEU A 83 8.18 16.35 -12.17
C LEU A 83 8.92 16.52 -13.51
N ARG A 84 9.47 15.42 -14.02
CA ARG A 84 10.01 15.40 -15.38
C ARG A 84 8.87 15.21 -16.35
N VAL A 85 8.05 16.27 -16.52
CA VAL A 85 6.75 16.16 -17.16
C VAL A 85 6.51 17.42 -17.99
N GLU A 86 5.32 17.53 -18.62
CA GLU A 86 5.03 18.59 -19.58
C GLU A 86 3.74 19.33 -19.21
N SER A 87 3.29 19.19 -17.97
CA SER A 87 2.05 19.81 -17.54
C SER A 87 2.32 21.24 -17.09
N MET A 88 1.25 21.96 -16.74
CA MET A 88 1.37 23.35 -16.35
C MET A 88 2.36 23.54 -15.19
N LEU A 89 2.46 22.57 -14.27
CA LEU A 89 3.21 22.76 -13.05
C LEU A 89 4.70 22.66 -13.33
N ALA A 90 5.02 22.07 -14.49
CA ALA A 90 6.38 21.93 -14.94
C ALA A 90 6.70 22.92 -16.06
N ARG A 91 6.08 24.08 -16.02
CA ARG A 91 6.30 25.10 -17.02
C ARG A 91 6.22 26.46 -16.34
N SER A 92 6.80 27.44 -17.05
CA SER A 92 6.80 28.83 -16.62
C SER A 92 6.45 29.72 -17.80
N GLY A 93 5.75 30.81 -17.52
CA GLY A 93 5.60 31.89 -18.49
C GLY A 93 4.39 31.60 -19.37
N ALA A 94 4.52 31.94 -20.66
CA ALA A 94 3.43 31.84 -21.61
C ALA A 94 2.83 30.42 -21.53
N ASP A 95 3.68 29.39 -21.51
CA ASP A 95 3.20 28.03 -21.56
C ASP A 95 2.39 27.67 -20.32
N HIS A 96 2.83 28.13 -19.15
CA HIS A 96 2.11 27.93 -17.91
C HIS A 96 0.72 28.55 -17.99
N LYS A 97 0.69 29.82 -18.36
CA LYS A 97 -0.56 30.59 -18.35
C LYS A 97 -1.55 30.05 -19.39
N ARG A 98 -1.04 29.59 -20.53
CA ARG A 98 -1.85 28.97 -21.55
C ARG A 98 -2.52 27.72 -20.97
N MET A 99 -1.73 26.86 -20.33
CA MET A 99 -2.26 25.56 -19.94
C MET A 99 -3.19 25.75 -18.74
N ARG A 100 -2.75 26.55 -17.78
CA ARG A 100 -3.54 26.84 -16.59
C ARG A 100 -4.83 27.53 -16.98
N GLY A 101 -4.77 28.37 -18.01
CA GLY A 101 -5.93 29.16 -18.41
C GLY A 101 -7.02 28.27 -18.99
N LEU A 102 -6.62 27.16 -19.60
CA LEU A 102 -7.61 26.29 -20.20
C LEU A 102 -8.55 25.71 -19.14
N VAL A 103 -8.06 25.53 -17.91
CA VAL A 103 -8.86 24.81 -16.93
C VAL A 103 -9.30 25.68 -15.76
N GLN A 104 -8.81 26.92 -15.68
CA GLN A 104 -9.08 27.77 -14.54
C GLN A 104 -10.58 27.99 -14.34
N ALA A 105 -11.34 28.08 -15.44
CA ALA A 105 -12.74 28.46 -15.35
C ALA A 105 -13.46 27.56 -14.34
N ALA A 106 -13.22 26.25 -14.47
CA ALA A 106 -13.90 25.25 -13.66
C ALA A 106 -13.59 25.38 -12.16
N PHE A 107 -12.60 26.19 -11.78
CA PHE A 107 -12.14 26.19 -10.38
C PHE A 107 -12.27 27.57 -9.74
N THR A 108 -12.98 28.50 -10.40
CA THR A 108 -13.20 29.82 -9.81
C THR A 108 -14.20 29.71 -8.66
N ARG A 109 -14.18 30.71 -7.78
CA ARG A 109 -15.10 30.81 -6.65
C ARG A 109 -16.53 30.45 -7.04
N ARG A 110 -17.03 30.99 -8.15
CA ARG A 110 -18.43 30.84 -8.53
C ARG A 110 -18.71 29.43 -9.04
N ARG A 111 -17.78 28.87 -9.79
CA ARG A 111 -17.93 27.50 -10.25
C ARG A 111 -17.92 26.59 -9.02
N VAL A 112 -17.03 26.84 -8.05
CA VAL A 112 -16.91 25.94 -6.92
C VAL A 112 -18.15 26.07 -6.04
N GLU A 113 -18.70 27.27 -5.90
CA GLU A 113 -19.96 27.48 -5.20
C GLU A 113 -21.08 26.63 -5.80
N ALA A 114 -21.08 26.42 -7.13
CA ALA A 114 -22.18 25.62 -7.69
C ALA A 114 -21.97 24.14 -7.40
N LEU A 115 -20.76 23.75 -6.92
CA LEU A 115 -20.49 22.36 -6.57
C LEU A 115 -20.99 22.01 -5.17
N ARG A 116 -21.33 23.01 -4.35
CA ARG A 116 -21.72 22.77 -2.96
C ARG A 116 -22.84 21.74 -2.81
N PRO A 117 -24.03 21.88 -3.46
CA PRO A 117 -25.11 20.89 -3.35
C PRO A 117 -24.67 19.45 -3.56
N ARG A 118 -23.88 19.23 -4.61
CA ARG A 118 -23.40 17.90 -4.95
C ARG A 118 -22.39 17.40 -3.91
N ILE A 119 -21.51 18.26 -3.43
CA ILE A 119 -20.55 17.86 -2.40
C ILE A 119 -21.28 17.47 -1.11
N GLU A 120 -22.30 18.24 -0.75
CA GLU A 120 -23.10 17.94 0.44
C GLU A 120 -23.82 16.60 0.25
N GLU A 121 -24.32 16.36 -0.97
CA GLU A 121 -25.04 15.14 -1.29
C GLU A 121 -24.10 13.93 -1.19
N ILE A 122 -22.87 14.06 -1.74
CA ILE A 122 -21.88 12.97 -1.71
C ILE A 122 -21.47 12.70 -0.26
N THR A 123 -21.27 13.77 0.50
CA THR A 123 -20.89 13.67 1.91
C THR A 123 -21.97 12.89 2.67
N ASN A 124 -23.25 13.27 2.49
CA ASN A 124 -24.39 12.71 3.23
C ASN A 124 -24.62 11.23 2.89
N GLU A 125 -24.42 10.85 1.63
CA GLU A 125 -24.51 9.46 1.18
C GLU A 125 -23.41 8.62 1.85
N LEU A 126 -22.18 9.15 1.95
CA LEU A 126 -21.09 8.43 2.59
C LEU A 126 -21.38 8.24 4.07
N LEU A 127 -21.89 9.27 4.72
CA LEU A 127 -22.25 9.19 6.13
C LEU A 127 -23.39 8.19 6.36
N ASP A 128 -24.36 8.12 5.44
CA ASP A 128 -25.44 7.12 5.50
C ASP A 128 -24.89 5.70 5.44
N ARG A 129 -23.94 5.43 4.54
CA ARG A 129 -23.31 4.12 4.44
C ARG A 129 -22.52 3.80 5.71
N MET A 130 -21.82 4.80 6.29
CA MET A 130 -21.06 4.57 7.50
C MET A 130 -22.00 4.21 8.64
N ALA A 131 -23.21 4.79 8.65
CA ALA A 131 -24.15 4.54 9.74
C ALA A 131 -24.67 3.10 9.71
N GLU A 132 -24.62 2.42 8.54
CA GLU A 132 -25.00 1.02 8.45
C GLU A 132 -23.89 0.05 8.89
N SER A 133 -22.68 0.56 9.19
CA SER A 133 -21.57 -0.28 9.63
C SER A 133 -21.60 -0.33 11.15
N ASP A 134 -20.73 -1.13 11.79
CA ASP A 134 -20.96 -1.44 13.18
C ASP A 134 -19.76 -1.13 14.09
N GLY A 135 -18.60 -1.74 13.81
CA GLY A 135 -17.47 -1.69 14.74
C GLY A 135 -16.38 -0.75 14.22
N VAL A 136 -15.11 -1.18 14.26
CA VAL A 136 -14.02 -0.32 13.79
C VAL A 136 -14.19 -0.09 12.29
N VAL A 137 -13.99 1.15 11.84
CA VAL A 137 -14.06 1.49 10.43
C VAL A 137 -12.79 2.26 10.06
N ASP A 138 -12.26 1.97 8.88
CA ASP A 138 -11.23 2.80 8.28
C ASP A 138 -11.87 4.05 7.67
N LEU A 139 -11.71 5.18 8.36
CA LEU A 139 -12.22 6.48 7.93
C LEU A 139 -11.69 6.84 6.54
N LYS A 140 -10.44 6.46 6.23
CA LYS A 140 -9.87 6.76 4.93
C LYS A 140 -10.69 6.08 3.83
N ALA A 141 -10.89 4.75 3.92
CA ALA A 141 -11.61 3.97 2.92
C ALA A 141 -13.10 4.35 2.85
N ALA A 142 -13.76 4.63 4.00
CA ALA A 142 -15.17 4.97 4.08
C ALA A 142 -15.47 6.44 3.74
N TYR A 143 -14.54 7.37 3.98
CA TYR A 143 -14.91 8.77 3.97
C TYR A 143 -13.88 9.65 3.26
N SER A 144 -12.64 9.66 3.74
CA SER A 144 -11.62 10.60 3.33
C SER A 144 -11.25 10.43 1.85
N PHE A 145 -11.14 9.19 1.38
CA PHE A 145 -10.87 8.93 -0.02
C PHE A 145 -12.11 9.11 -0.89
N PRO A 146 -13.26 8.45 -0.63
CA PRO A 146 -14.37 8.47 -1.58
C PRO A 146 -14.96 9.86 -1.85
N LEU A 147 -14.96 10.74 -0.84
CA LEU A 147 -15.56 12.07 -1.01
C LEU A 147 -14.83 12.86 -2.09
N PRO A 148 -13.54 13.24 -1.92
CA PRO A 148 -12.84 13.99 -2.95
C PRO A 148 -12.80 13.29 -4.32
N ILE A 149 -12.66 11.96 -4.38
CA ILE A 149 -12.50 11.37 -5.68
C ILE A 149 -13.84 11.43 -6.44
N ARG A 150 -14.96 11.31 -5.72
CA ARG A 150 -16.29 11.46 -6.33
C ARG A 150 -16.49 12.87 -6.85
N VAL A 151 -16.05 13.87 -6.08
CA VAL A 151 -16.22 15.27 -6.43
C VAL A 151 -15.40 15.57 -7.69
N ILE A 152 -14.11 15.24 -7.67
CA ILE A 152 -13.27 15.49 -8.83
C ILE A 152 -13.66 14.60 -10.01
N SER A 153 -14.20 13.40 -9.76
CA SER A 153 -14.67 12.51 -10.81
C SER A 153 -15.75 13.21 -11.66
N GLU A 154 -16.64 13.92 -10.98
CA GLU A 154 -17.73 14.61 -11.65
C GLU A 154 -17.22 15.82 -12.42
N LEU A 155 -16.28 16.56 -11.83
CA LEU A 155 -15.72 17.71 -12.49
C LEU A 155 -14.91 17.29 -13.73
N LEU A 156 -14.09 16.23 -13.63
CA LEU A 156 -13.18 15.85 -14.70
C LEU A 156 -13.88 15.01 -15.76
N GLY A 157 -14.84 14.20 -15.32
CA GLY A 157 -15.45 13.18 -16.15
C GLY A 157 -14.69 11.88 -16.07
N LEU A 158 -14.48 11.36 -14.85
CA LEU A 158 -13.84 10.08 -14.64
C LEU A 158 -14.92 9.02 -14.47
N ASN A 159 -14.53 7.75 -14.62
CA ASN A 159 -15.45 6.62 -14.43
C ASN A 159 -15.15 5.92 -13.11
N GLU A 160 -16.23 5.65 -12.37
CA GLU A 160 -16.16 5.03 -11.06
C GLU A 160 -15.39 3.71 -11.11
N GLU A 161 -15.38 3.06 -12.28
CA GLU A 161 -14.63 1.83 -12.50
C GLU A 161 -13.11 2.03 -12.32
N ASP A 162 -12.62 3.28 -12.41
CA ASP A 162 -11.19 3.56 -12.41
C ASP A 162 -10.76 4.18 -11.08
N HIS A 163 -11.71 4.39 -10.17
CA HIS A 163 -11.45 5.16 -8.96
C HIS A 163 -10.34 4.53 -8.13
N LEU A 164 -10.46 3.21 -7.93
CA LEU A 164 -9.48 2.47 -7.14
C LEU A 164 -8.18 2.30 -7.90
N THR A 165 -8.25 2.12 -9.22
CA THR A 165 -7.07 2.14 -10.07
C THR A 165 -6.27 3.44 -9.87
N LEU A 166 -6.99 4.57 -9.95
CA LEU A 166 -6.36 5.86 -9.78
C LEU A 166 -5.74 6.05 -8.39
N GLN A 167 -6.34 5.48 -7.35
CA GLN A 167 -5.85 5.67 -6.00
C GLN A 167 -4.43 5.10 -5.93
N THR A 168 -4.26 3.92 -6.50
CA THR A 168 -2.96 3.24 -6.50
C THR A 168 -1.99 4.01 -7.39
N LEU A 169 -2.47 4.46 -8.55
CA LEU A 169 -1.61 5.08 -9.55
C LEU A 169 -1.00 6.37 -8.98
N VAL A 170 -1.84 7.17 -8.29
CA VAL A 170 -1.41 8.42 -7.69
C VAL A 170 -0.42 8.16 -6.55
N THR A 171 -0.74 7.21 -5.69
CA THR A 171 0.18 6.85 -4.62
C THR A 171 1.55 6.49 -5.21
N ARG A 172 1.57 5.72 -6.31
CA ARG A 172 2.84 5.32 -6.91
C ARG A 172 3.62 6.55 -7.39
N THR A 173 2.95 7.48 -8.08
CA THR A 173 3.59 8.70 -8.61
C THR A 173 4.12 9.57 -7.47
N LEU A 174 3.46 9.57 -6.31
CA LEU A 174 3.88 10.41 -5.21
C LEU A 174 4.81 9.72 -4.23
N SER A 175 5.04 8.41 -4.40
CA SER A 175 5.92 7.66 -3.50
C SER A 175 7.34 8.21 -3.53
N GLY A 176 7.80 8.65 -4.72
CA GLY A 176 9.19 9.00 -4.94
C GLY A 176 10.14 7.79 -4.83
N THR A 177 9.61 6.56 -4.96
CA THR A 177 10.43 5.35 -4.92
C THR A 177 10.05 4.40 -6.07
N ASP A 178 9.22 4.84 -7.02
CA ASP A 178 8.68 3.97 -8.04
C ASP A 178 9.11 4.45 -9.43
N PRO A 179 10.20 3.90 -10.04
CA PRO A 179 10.68 4.39 -11.34
C PRO A 179 9.65 4.33 -12.47
N GLU A 180 8.73 3.36 -12.41
CA GLU A 180 7.80 3.17 -13.53
C GLU A 180 6.46 3.87 -13.33
N ALA A 181 6.26 4.60 -12.21
CA ALA A 181 4.94 5.18 -11.90
C ALA A 181 4.48 6.20 -12.94
N ASN A 182 5.34 7.15 -13.35
CA ASN A 182 4.90 8.17 -14.30
C ASN A 182 4.51 7.52 -15.64
N ALA A 183 5.38 6.62 -16.13
CA ALA A 183 5.15 5.94 -17.40
C ALA A 183 3.83 5.17 -17.39
N ASP A 184 3.57 4.39 -16.30
CA ASP A 184 2.32 3.63 -16.25
C ASP A 184 1.14 4.60 -16.12
N ALA A 185 1.31 5.69 -15.36
CA ALA A 185 0.20 6.63 -15.22
C ALA A 185 -0.13 7.29 -16.56
N PHE A 186 0.90 7.63 -17.37
CA PHE A 186 0.69 8.26 -18.67
C PHE A 186 -0.07 7.32 -19.61
N THR A 187 0.34 6.06 -19.66
CA THR A 187 -0.33 5.05 -20.48
C THR A 187 -1.78 4.94 -20.03
N PHE A 188 -1.98 4.92 -18.72
CA PHE A 188 -3.33 4.78 -18.22
C PHE A 188 -4.15 5.97 -18.69
N VAL A 189 -3.63 7.20 -18.49
CA VAL A 189 -4.43 8.37 -18.82
C VAL A 189 -4.61 8.51 -20.33
N ALA A 190 -3.63 8.05 -21.12
CA ALA A 190 -3.76 8.13 -22.58
C ALA A 190 -4.98 7.32 -23.02
N SER A 191 -5.15 6.13 -22.43
CA SER A 191 -6.35 5.33 -22.62
C SER A 191 -7.63 6.09 -22.20
N LEU A 192 -7.60 6.83 -21.09
CA LEU A 192 -8.77 7.58 -20.68
C LEU A 192 -9.23 8.49 -21.81
N ILE A 193 -8.26 9.18 -22.41
CA ILE A 193 -8.52 10.20 -23.41
C ILE A 193 -9.11 9.54 -24.65
N GLU A 194 -8.49 8.44 -25.09
CA GLU A 194 -8.96 7.63 -26.24
C GLU A 194 -10.39 7.15 -26.03
N ALA A 195 -10.72 6.72 -24.80
CA ALA A 195 -12.10 6.39 -24.45
C ALA A 195 -13.01 7.62 -24.46
N LYS A 196 -12.47 8.75 -24.00
CA LYS A 196 -13.29 9.94 -23.83
C LYS A 196 -13.61 10.56 -25.19
N ARG A 197 -12.72 10.40 -26.17
CA ARG A 197 -12.93 10.99 -27.48
C ARG A 197 -14.17 10.35 -28.10
N LYS A 198 -14.33 9.04 -27.89
CA LYS A 198 -15.50 8.33 -28.37
C LYS A 198 -16.76 8.93 -27.74
N ASN A 199 -16.76 9.12 -26.42
CA ASN A 199 -17.95 9.61 -25.75
C ASN A 199 -17.63 10.86 -24.92
N LEU A 200 -17.76 12.02 -25.57
CA LEU A 200 -17.56 13.31 -24.92
C LEU A 200 -18.75 13.59 -24.00
N ASP A 201 -18.52 14.46 -23.03
CA ASP A 201 -19.47 14.75 -21.98
C ASP A 201 -19.24 16.21 -21.57
N ASP A 202 -19.77 16.57 -20.40
CA ASP A 202 -19.80 17.92 -19.87
C ASP A 202 -18.57 18.23 -19.01
N GLY A 203 -17.64 17.27 -18.86
CA GLY A 203 -16.57 17.42 -17.89
C GLY A 203 -15.35 18.11 -18.47
N LEU A 204 -14.41 18.43 -17.58
CA LEU A 204 -13.23 19.19 -17.94
C LEU A 204 -12.32 18.44 -18.92
N ILE A 205 -12.19 17.11 -18.80
CA ILE A 205 -11.33 16.38 -19.72
C ILE A 205 -11.90 16.50 -21.15
N SER A 206 -13.22 16.46 -21.29
CA SER A 206 -13.86 16.58 -22.60
C SER A 206 -13.62 17.98 -23.15
N ALA A 207 -13.72 18.99 -22.28
CA ALA A 207 -13.51 20.38 -22.69
C ALA A 207 -12.07 20.59 -23.19
N MET A 208 -11.09 19.89 -22.58
CA MET A 208 -9.71 20.01 -23.00
C MET A 208 -9.46 19.27 -24.32
N ILE A 209 -10.15 18.13 -24.49
CA ILE A 209 -10.16 17.44 -25.76
C ILE A 209 -10.77 18.33 -26.85
N GLU A 210 -11.96 18.88 -26.59
CA GLU A 210 -12.63 19.82 -27.48
C GLU A 210 -11.75 21.02 -27.83
N ALA A 211 -10.93 21.49 -26.86
CA ALA A 211 -10.08 22.66 -27.05
C ALA A 211 -8.92 22.32 -27.99
N ARG A 212 -8.32 21.16 -27.81
CA ARG A 212 -7.26 20.72 -28.70
C ARG A 212 -7.78 20.53 -30.13
N ALA A 213 -9.00 19.98 -30.28
CA ALA A 213 -9.57 19.68 -31.58
C ALA A 213 -9.82 20.95 -32.38
N GLU A 214 -10.29 22.01 -31.71
CA GLU A 214 -10.64 23.26 -32.37
C GLU A 214 -9.39 24.00 -32.80
N ASP A 215 -8.32 23.95 -31.98
CA ASP A 215 -7.07 24.62 -32.27
C ASP A 215 -5.92 23.81 -31.69
N GLY A 216 -5.27 22.99 -32.53
CA GLY A 216 -4.17 22.13 -32.14
C GLY A 216 -3.03 22.89 -31.46
N ASP A 217 -2.87 24.18 -31.78
CA ASP A 217 -1.82 25.01 -31.21
C ASP A 217 -2.15 25.43 -29.77
N ARG A 218 -3.43 25.52 -29.41
CA ARG A 218 -3.82 25.78 -28.03
C ARG A 218 -3.25 24.71 -27.08
N LEU A 219 -3.09 23.46 -27.54
CA LEU A 219 -2.78 22.35 -26.64
C LEU A 219 -2.26 21.15 -27.44
N SER A 220 -1.00 20.73 -27.21
CA SER A 220 -0.46 19.53 -27.83
C SER A 220 -1.09 18.27 -27.21
N GLU A 221 -0.90 17.13 -27.88
CA GLU A 221 -1.36 15.86 -27.35
C GLU A 221 -0.59 15.54 -26.08
N THR A 222 0.72 15.86 -26.01
CA THR A 222 1.50 15.51 -24.84
C THR A 222 0.98 16.30 -23.65
N GLU A 223 0.63 17.56 -23.92
CA GLU A 223 0.19 18.50 -22.91
C GLU A 223 -1.19 18.08 -22.41
N LEU A 224 -2.06 17.62 -23.33
CA LEU A 224 -3.38 17.13 -22.96
C LEU A 224 -3.27 15.98 -21.97
N ILE A 225 -2.41 15.01 -22.28
CA ILE A 225 -2.22 13.85 -21.43
C ILE A 225 -1.63 14.29 -20.07
N HIS A 226 -0.51 15.02 -20.07
CA HIS A 226 0.19 15.35 -18.84
C HIS A 226 -0.67 16.20 -17.92
N ASN A 227 -1.46 17.14 -18.50
CA ASN A 227 -2.30 18.02 -17.72
C ASN A 227 -3.48 17.24 -17.16
N THR A 228 -3.98 16.24 -17.90
CA THR A 228 -5.05 15.42 -17.37
C THR A 228 -4.49 14.66 -16.18
N LEU A 229 -3.29 14.14 -16.34
CA LEU A 229 -2.65 13.40 -15.25
C LEU A 229 -2.50 14.29 -14.02
N LEU A 230 -2.01 15.53 -14.24
CA LEU A 230 -1.77 16.48 -13.17
C LEU A 230 -3.05 16.74 -12.36
N LEU A 231 -4.18 16.92 -13.06
CA LEU A 231 -5.45 17.20 -12.43
C LEU A 231 -5.92 16.00 -11.60
N ILE A 232 -5.64 14.80 -12.09
CA ILE A 232 -5.91 13.57 -11.35
C ILE A 232 -5.00 13.48 -10.11
N ILE A 233 -3.70 13.79 -10.27
CA ILE A 233 -2.75 13.76 -9.16
C ILE A 233 -3.23 14.73 -8.08
N GLY A 234 -3.63 15.92 -8.51
CA GLY A 234 -3.99 16.95 -7.56
C GLY A 234 -5.38 16.73 -6.97
N GLY A 235 -6.25 16.07 -7.76
CA GLY A 235 -7.67 16.24 -7.61
C GLY A 235 -8.30 15.64 -6.34
N PHE A 236 -7.67 14.64 -5.69
CA PHE A 236 -8.27 13.96 -4.54
C PHE A 236 -7.28 13.65 -3.42
N GLU A 237 -6.02 13.31 -3.75
CA GLU A 237 -5.11 12.70 -2.77
C GLU A 237 -4.86 13.65 -1.59
N THR A 238 -4.68 14.94 -1.87
CA THR A 238 -4.33 15.87 -0.82
C THR A 238 -5.56 16.21 0.04
N THR A 239 -6.74 16.26 -0.57
CA THR A 239 -7.96 16.56 0.17
C THR A 239 -8.30 15.38 1.09
N MET A 240 -8.18 14.17 0.53
CA MET A 240 -8.25 12.92 1.28
C MET A 240 -7.28 12.97 2.46
N GLY A 241 -6.02 13.31 2.20
CA GLY A 241 -5.04 13.42 3.28
C GLY A 241 -5.51 14.39 4.37
N MET A 242 -5.97 15.55 3.91
CA MET A 242 -6.32 16.64 4.82
C MET A 242 -7.54 16.27 5.66
N ILE A 243 -8.49 15.51 5.09
CA ILE A 243 -9.63 15.09 5.88
C ILE A 243 -9.14 14.27 7.07
N SER A 244 -8.37 13.22 6.82
CA SER A 244 -7.87 12.41 7.91
C SER A 244 -7.00 13.22 8.87
N ASN A 245 -6.07 14.01 8.35
CA ASN A 245 -5.16 14.77 9.22
C ASN A 245 -5.98 15.73 10.10
N SER A 246 -7.03 16.33 9.55
CA SER A 246 -7.84 17.30 10.27
C SER A 246 -8.65 16.62 11.37
N VAL A 247 -9.21 15.45 11.08
CA VAL A 247 -9.94 14.68 12.08
C VAL A 247 -9.01 14.26 13.23
N GLN A 248 -7.81 13.78 12.93
CA GLN A 248 -6.79 13.46 13.93
C GLN A 248 -6.52 14.63 14.87
N LEU A 249 -6.33 15.79 14.24
CA LEU A 249 -5.97 17.00 14.97
C LEU A 249 -7.10 17.47 15.87
N LEU A 250 -8.34 17.45 15.36
CA LEU A 250 -9.48 17.97 16.10
C LEU A 250 -9.82 17.02 17.25
N LEU A 251 -9.74 15.69 17.03
CA LEU A 251 -10.03 14.75 18.08
C LEU A 251 -8.90 14.68 19.11
N THR A 252 -7.66 15.04 18.74
CA THR A 252 -6.60 15.10 19.76
C THR A 252 -6.58 16.48 20.41
N HIS A 253 -7.37 17.45 19.93
CA HIS A 253 -7.54 18.71 20.63
C HIS A 253 -9.02 18.90 20.98
N PRO A 254 -9.61 18.04 21.85
CA PRO A 254 -11.06 18.01 22.03
C PRO A 254 -11.73 19.34 22.46
N ASP A 255 -11.00 20.15 23.23
CA ASP A 255 -11.45 21.47 23.65
C ASP A 255 -11.67 22.38 22.45
N GLN A 256 -10.76 22.35 21.47
CA GLN A 256 -10.90 23.24 20.32
C GLN A 256 -12.09 22.78 19.48
N LEU A 257 -12.21 21.46 19.26
CA LEU A 257 -13.35 20.89 18.56
C LEU A 257 -14.68 21.27 19.24
N HIS A 258 -14.69 21.21 20.58
CA HIS A 258 -15.85 21.66 21.34
C HIS A 258 -16.27 23.09 20.97
N LEU A 259 -15.31 24.00 20.92
CA LEU A 259 -15.56 25.38 20.55
C LEU A 259 -16.17 25.44 19.15
N LEU A 260 -15.64 24.63 18.22
CA LEU A 260 -16.18 24.64 16.86
C LEU A 260 -17.63 24.15 16.89
N ARG A 261 -17.88 23.06 17.62
CA ARG A 261 -19.21 22.45 17.62
C ARG A 261 -20.25 23.35 18.29
N THR A 262 -19.86 24.29 19.14
CA THR A 262 -20.83 25.15 19.83
C THR A 262 -20.87 26.55 19.21
N GLY A 263 -20.22 26.77 18.06
CA GLY A 263 -20.25 28.05 17.38
C GLY A 263 -19.42 29.14 18.08
N GLN A 264 -18.42 28.77 18.88
CA GLN A 264 -17.52 29.70 19.55
C GLN A 264 -16.18 29.85 18.82
N ALA A 265 -16.09 29.31 17.59
CA ALA A 265 -14.88 29.43 16.80
C ALA A 265 -15.22 29.09 15.36
N SER A 266 -14.36 29.53 14.46
CA SER A 266 -14.65 29.49 13.03
C SER A 266 -14.11 28.22 12.37
N TRP A 267 -14.98 27.49 11.66
CA TRP A 267 -14.56 26.29 10.93
C TRP A 267 -13.54 26.67 9.87
N GLU A 268 -13.77 27.83 9.23
CA GLU A 268 -12.90 28.28 8.15
C GLU A 268 -11.47 28.48 8.67
N ASN A 269 -11.35 29.09 9.86
CA ASN A 269 -10.04 29.40 10.40
C ASN A 269 -9.36 28.12 10.88
N ALA A 270 -10.15 27.23 11.49
CA ALA A 270 -9.70 25.93 11.92
C ALA A 270 -9.09 25.13 10.76
N ILE A 271 -9.76 25.14 9.63
CA ILE A 271 -9.29 24.45 8.44
C ILE A 271 -7.97 25.06 7.94
N GLU A 272 -7.84 26.39 7.96
CA GLU A 272 -6.57 27.01 7.61
C GLU A 272 -5.47 26.56 8.59
N GLU A 273 -5.80 26.37 9.86
CA GLU A 273 -4.79 25.98 10.84
C GLU A 273 -4.44 24.49 10.66
N CYS A 274 -5.40 23.67 10.21
CA CYS A 274 -5.12 22.29 9.90
C CYS A 274 -4.14 22.25 8.72
N LEU A 275 -4.44 23.06 7.69
CA LEU A 275 -3.64 23.08 6.47
C LEU A 275 -2.20 23.48 6.82
N ARG A 276 -2.06 24.40 7.76
CA ARG A 276 -0.73 24.89 8.12
C ARG A 276 0.00 23.80 8.91
N PHE A 277 -0.73 23.20 9.86
CA PHE A 277 -0.14 22.41 10.92
C PHE A 277 0.28 21.03 10.41
N GLU A 278 -0.57 20.40 9.59
CA GLU A 278 -0.34 19.07 9.02
C GLU A 278 -0.60 19.09 7.53
N SER A 279 0.19 19.92 6.85
CA SER A 279 0.06 20.13 5.43
C SER A 279 0.27 18.78 4.75
N ALA A 280 -0.66 18.42 3.84
CA ALA A 280 -0.63 17.18 3.10
C ALA A 280 0.55 17.14 2.13
N VAL A 281 0.97 18.30 1.58
CA VAL A 281 2.17 18.32 0.72
C VAL A 281 3.34 18.86 1.55
N VAL A 282 4.32 18.01 1.85
CA VAL A 282 5.44 18.39 2.70
C VAL A 282 6.44 19.18 1.86
N MET A 283 6.82 18.58 0.73
CA MET A 283 7.75 19.20 -0.20
C MET A 283 7.55 18.56 -1.56
N LEU A 284 7.95 19.27 -2.62
CA LEU A 284 7.84 18.78 -3.97
C LEU A 284 9.08 19.19 -4.76
N PRO A 285 9.48 18.35 -5.73
CA PRO A 285 10.48 18.76 -6.72
C PRO A 285 10.04 19.88 -7.65
N PHE A 286 10.73 21.02 -7.44
CA PHE A 286 11.79 21.61 -8.24
C PHE A 286 11.39 22.98 -8.79
N LEU A 287 12.01 23.91 -8.10
CA LEU A 287 12.42 25.17 -8.69
C LEU A 287 13.82 24.95 -9.25
N TYR A 288 14.09 25.56 -10.40
CA TYR A 288 15.43 25.53 -10.93
C TYR A 288 15.91 26.98 -11.06
N THR A 289 17.06 27.27 -10.44
CA THR A 289 17.62 28.60 -10.54
C THR A 289 17.99 28.90 -12.00
N THR A 290 17.62 30.11 -12.47
CA THR A 290 18.04 30.63 -13.78
C THR A 290 19.37 31.38 -13.71
N ARG A 291 19.90 31.60 -12.50
CA ARG A 291 21.20 32.24 -12.30
C ARG A 291 21.70 31.84 -10.91
N ASP A 292 22.91 32.27 -10.52
CA ASP A 292 23.39 32.04 -9.18
C ASP A 292 22.51 32.85 -8.22
N VAL A 293 22.07 32.24 -7.13
CA VAL A 293 21.17 32.88 -6.20
C VAL A 293 21.73 32.68 -4.81
N GLU A 294 21.89 33.78 -4.06
CA GLU A 294 22.46 33.73 -2.73
C GLU A 294 21.33 34.00 -1.74
N ILE A 295 21.22 33.10 -0.77
CA ILE A 295 20.25 33.14 0.31
C ILE A 295 20.98 32.73 1.58
N ASP A 296 20.82 33.50 2.66
CA ASP A 296 21.43 33.14 3.95
C ASP A 296 22.95 32.96 3.84
N GLY A 297 23.60 33.65 2.89
CA GLY A 297 25.04 33.55 2.69
C GLY A 297 25.45 32.28 1.91
N ILE A 298 24.48 31.61 1.29
CA ILE A 298 24.76 30.40 0.55
C ILE A 298 24.34 30.66 -0.87
N THR A 299 25.20 30.30 -1.82
CA THR A 299 24.87 30.44 -3.23
C THR A 299 24.36 29.11 -3.76
N ILE A 300 23.19 29.15 -4.40
CA ILE A 300 22.71 28.01 -5.19
C ILE A 300 23.17 28.28 -6.63
N PRO A 301 24.01 27.41 -7.24
CA PRO A 301 24.49 27.61 -8.59
C PRO A 301 23.34 27.62 -9.58
N ALA A 302 23.54 28.36 -10.68
CA ALA A 302 22.60 28.42 -11.79
C ALA A 302 22.33 26.99 -12.28
N GLY A 303 21.07 26.71 -12.59
CA GLY A 303 20.67 25.42 -13.14
C GLY A 303 20.36 24.36 -12.08
N ASP A 304 20.50 24.67 -10.77
CA ASP A 304 20.34 23.68 -9.73
C ASP A 304 18.87 23.52 -9.31
N ALA A 305 18.57 22.31 -8.85
CA ALA A 305 17.23 21.89 -8.48
C ALA A 305 17.03 22.09 -6.99
N VAL A 306 15.84 22.61 -6.65
CA VAL A 306 15.54 23.03 -5.30
C VAL A 306 14.18 22.48 -4.91
N LEU A 307 14.13 21.67 -3.84
CA LEU A 307 12.88 21.21 -3.26
C LEU A 307 12.13 22.37 -2.59
N ILE A 308 10.81 22.35 -2.76
CA ILE A 308 9.94 23.38 -2.25
C ILE A 308 9.37 22.90 -0.91
N GLY A 309 9.84 23.45 0.21
CA GLY A 309 9.51 22.93 1.53
C GLY A 309 8.29 23.59 2.16
N PHE A 310 7.10 23.32 1.62
CA PHE A 310 5.87 23.89 2.12
C PHE A 310 5.69 23.53 3.59
N GLY A 311 5.94 22.28 3.93
CA GLY A 311 5.59 21.78 5.25
C GLY A 311 6.51 22.34 6.35
N PRO A 312 7.86 22.27 6.20
CA PRO A 312 8.76 22.90 7.16
C PRO A 312 8.53 24.40 7.28
N ALA A 313 8.30 25.07 6.16
CA ALA A 313 7.98 26.50 6.17
C ALA A 313 6.75 26.78 7.02
N ASN A 314 5.78 25.86 7.06
CA ASN A 314 4.53 26.07 7.75
C ASN A 314 4.68 25.92 9.27
N ARG A 315 5.85 25.41 9.71
CA ARG A 315 6.17 25.27 11.11
C ARG A 315 7.29 26.23 11.51
N ASP A 316 7.59 27.24 10.67
CA ASP A 316 8.64 28.22 10.91
C ASP A 316 8.25 29.19 12.02
N PRO A 317 9.03 29.24 13.13
CA PRO A 317 8.82 30.23 14.19
C PRO A 317 8.94 31.68 13.76
N GLN A 318 9.65 31.94 12.66
CA GLN A 318 9.74 33.30 12.14
C GLN A 318 8.42 33.71 11.50
N ALA A 319 7.60 32.73 11.06
CA ALA A 319 6.32 33.03 10.44
C ALA A 319 5.18 32.96 11.48
N TYR A 320 5.28 32.06 12.46
CA TYR A 320 4.23 31.91 13.46
C TYR A 320 4.87 31.75 14.84
N ASP A 321 4.32 32.41 15.87
CA ASP A 321 4.72 32.16 17.25
C ASP A 321 4.11 30.84 17.72
N ASP A 322 4.93 30.06 18.43
CA ASP A 322 4.52 28.76 18.92
C ASP A 322 4.06 27.91 17.74
N PRO A 323 4.90 27.71 16.70
CA PRO A 323 4.45 27.08 15.46
C PRO A 323 4.02 25.63 15.65
N ASP A 324 4.60 24.97 16.65
CA ASP A 324 4.41 23.56 16.91
C ASP A 324 3.19 23.32 17.81
N ARG A 325 2.40 24.36 18.04
CA ARG A 325 1.11 24.22 18.71
C ARG A 325 -0.03 24.43 17.71
N PHE A 326 -0.98 23.51 17.74
CA PHE A 326 -2.22 23.65 16.99
C PHE A 326 -3.19 24.55 17.75
N ASP A 327 -3.67 25.61 17.08
CA ASP A 327 -4.47 26.66 17.70
C ASP A 327 -5.43 27.26 16.68
N ILE A 328 -6.68 26.82 16.70
CA ILE A 328 -7.66 27.22 15.69
C ILE A 328 -8.06 28.68 15.88
N THR A 329 -7.55 29.38 16.93
CA THR A 329 -7.99 30.75 17.18
C THR A 329 -6.92 31.72 16.70
N ARG A 330 -5.80 31.20 16.21
CA ARG A 330 -4.71 32.07 15.83
C ARG A 330 -5.17 32.92 14.64
N PRO A 331 -4.57 34.11 14.46
CA PRO A 331 -4.81 34.88 13.24
C PRO A 331 -4.64 34.00 12.00
N ARG A 332 -5.56 34.14 11.05
CA ARG A 332 -5.63 33.33 9.87
C ARG A 332 -4.22 33.11 9.32
N PRO A 333 -3.67 31.89 9.41
CA PRO A 333 -2.29 31.67 8.99
C PRO A 333 -2.11 31.81 7.48
N ARG A 334 -1.15 32.64 7.11
CA ARG A 334 -0.75 32.88 5.75
C ARG A 334 0.22 31.75 5.32
N HIS A 335 -0.31 30.54 5.18
CA HIS A 335 0.52 29.33 5.08
C HIS A 335 0.86 29.04 3.62
N LEU A 336 1.80 28.14 3.38
CA LEU A 336 2.19 27.70 2.04
C LEU A 336 1.69 26.30 1.69
N ALA A 337 0.65 25.80 2.36
CA ALA A 337 0.12 24.48 2.03
C ALA A 337 -0.41 24.42 0.59
N PHE A 338 -0.83 25.55 0.01
CA PHE A 338 -1.32 25.54 -1.37
C PHE A 338 -0.27 26.10 -2.31
N GLY A 339 0.94 26.33 -1.79
CA GLY A 339 1.96 27.05 -2.55
C GLY A 339 1.77 28.57 -2.47
N HIS A 340 2.30 29.25 -3.51
CA HIS A 340 2.43 30.69 -3.57
C HIS A 340 2.88 31.10 -4.98
N GLY A 341 2.39 32.25 -5.46
CA GLY A 341 2.83 32.79 -6.72
C GLY A 341 2.03 32.19 -7.85
N ALA A 342 2.66 32.03 -9.01
CA ALA A 342 1.95 31.71 -10.23
C ALA A 342 1.35 30.31 -10.20
N HIS A 343 1.94 29.37 -9.45
CA HIS A 343 1.45 28.01 -9.35
C HIS A 343 0.62 27.77 -8.07
N LEU A 344 0.14 28.85 -7.44
CA LEU A 344 -0.76 28.68 -6.29
C LEU A 344 -1.89 27.73 -6.67
N CYS A 345 -2.17 26.75 -5.79
CA CYS A 345 -3.10 25.65 -6.06
C CYS A 345 -4.34 26.11 -6.80
N LEU A 346 -4.50 25.59 -8.02
CA LEU A 346 -5.70 25.84 -8.81
C LEU A 346 -6.94 25.35 -8.08
N GLY A 347 -6.80 24.25 -7.33
CA GLY A 347 -7.93 23.66 -6.62
C GLY A 347 -8.16 24.16 -5.18
N ALA A 348 -7.53 25.27 -4.77
CA ALA A 348 -7.52 25.65 -3.36
C ALA A 348 -8.91 25.95 -2.82
N ALA A 349 -9.76 26.60 -3.64
CA ALA A 349 -11.08 26.96 -3.18
C ALA A 349 -11.94 25.69 -3.12
N LEU A 350 -11.77 24.79 -4.08
CA LEU A 350 -12.48 23.51 -4.04
C LEU A 350 -12.09 22.73 -2.78
N ALA A 351 -10.81 22.68 -2.42
CA ALA A 351 -10.38 21.90 -1.26
C ALA A 351 -10.94 22.51 0.04
N ARG A 352 -10.90 23.84 0.12
CA ARG A 352 -11.46 24.53 1.29
C ARG A 352 -12.97 24.30 1.44
N LEU A 353 -13.72 24.28 0.33
CA LEU A 353 -15.14 23.99 0.39
C LEU A 353 -15.34 22.53 0.81
N GLU A 354 -14.61 21.60 0.20
CA GLU A 354 -14.74 20.19 0.53
C GLU A 354 -14.53 19.96 2.03
N LEU A 355 -13.50 20.58 2.60
CA LEU A 355 -13.17 20.35 4.00
C LEU A 355 -14.23 21.00 4.88
N LEU A 356 -14.65 22.19 4.46
CA LEU A 356 -15.66 22.95 5.19
C LEU A 356 -16.97 22.16 5.25
N ILE A 357 -17.30 21.39 4.20
CA ILE A 357 -18.50 20.55 4.22
C ILE A 357 -18.22 19.26 5.00
N ALA A 358 -17.09 18.61 4.73
CA ALA A 358 -16.84 17.24 5.17
C ALA A 358 -16.65 17.16 6.68
N LEU A 359 -15.93 18.13 7.24
CA LEU A 359 -15.44 18.01 8.59
C LEU A 359 -16.60 18.19 9.55
N PRO A 360 -17.37 19.33 9.55
CA PRO A 360 -18.50 19.47 10.46
C PRO A 360 -19.58 18.39 10.26
N ALA A 361 -19.79 17.92 9.02
CA ALA A 361 -20.83 16.93 8.75
C ALA A 361 -20.50 15.61 9.45
N LEU A 362 -19.20 15.25 9.46
CA LEU A 362 -18.75 14.02 10.07
C LEU A 362 -19.09 14.06 11.57
N PHE A 363 -18.68 15.13 12.24
CA PHE A 363 -18.88 15.21 13.69
C PHE A 363 -20.36 15.42 14.07
N GLU A 364 -21.15 16.02 13.19
CA GLU A 364 -22.58 16.17 13.42
C GLU A 364 -23.28 14.80 13.39
N ARG A 365 -22.95 13.98 12.38
CA ARG A 365 -23.52 12.64 12.31
C ARG A 365 -22.95 11.72 13.39
N PHE A 366 -21.65 11.83 13.72
CA PHE A 366 -21.01 10.88 14.62
C PHE A 366 -20.32 11.63 15.75
N PRO A 367 -21.08 12.28 16.66
CA PRO A 367 -20.49 13.21 17.63
C PRO A 367 -19.42 12.59 18.53
N ASP A 368 -19.52 11.29 18.79
CA ASP A 368 -18.65 10.60 19.74
C ASP A 368 -17.56 9.82 19.02
N ILE A 369 -17.32 10.14 17.75
CA ILE A 369 -16.24 9.49 17.00
C ILE A 369 -14.93 9.54 17.79
N THR A 370 -14.17 8.42 17.78
CA THR A 370 -12.94 8.27 18.55
C THR A 370 -11.88 7.64 17.66
N LEU A 371 -10.63 8.09 17.80
CA LEU A 371 -9.50 7.49 17.10
C LEU A 371 -9.13 6.18 17.78
N VAL A 372 -8.91 5.09 17.01
CA VAL A 372 -8.40 3.85 17.57
C VAL A 372 -7.36 3.26 16.63
N GLY A 373 -6.66 2.22 17.10
CA GLY A 373 -5.72 1.46 16.30
C GLY A 373 -4.50 2.33 16.01
N GLU A 374 -3.84 2.06 14.89
CA GLU A 374 -2.68 2.81 14.47
C GLU A 374 -3.04 3.50 13.16
N ALA A 375 -2.40 4.63 12.89
CA ALA A 375 -2.54 5.27 11.60
C ALA A 375 -1.13 5.49 11.08
N PRO A 376 -0.51 4.44 10.49
CA PRO A 376 0.88 4.54 10.01
C PRO A 376 0.93 5.44 8.78
N PRO A 377 2.04 6.15 8.55
CA PRO A 377 2.13 7.08 7.43
C PRO A 377 2.26 6.43 6.06
N THR A 378 1.63 7.01 5.03
CA THR A 378 2.00 6.68 3.65
C THR A 378 3.52 6.82 3.51
N PRO A 379 4.22 5.82 2.90
CA PRO A 379 5.68 5.83 2.90
C PRO A 379 6.19 6.73 1.77
N THR A 380 6.15 8.05 2.01
CA THR A 380 6.75 9.01 1.09
C THR A 380 7.26 10.18 1.91
N VAL A 381 8.42 10.73 1.51
CA VAL A 381 8.93 11.91 2.17
C VAL A 381 8.29 13.19 1.60
N PHE A 382 7.44 13.03 0.57
CA PHE A 382 6.84 14.14 -0.14
C PHE A 382 5.46 14.49 0.39
N MET A 383 4.71 13.47 0.81
CA MET A 383 3.32 13.66 1.22
C MET A 383 3.18 13.25 2.67
N ASN A 384 2.15 13.80 3.31
CA ASN A 384 1.94 13.61 4.73
C ASN A 384 0.48 13.25 5.00
N HIS A 385 0.21 11.96 5.05
CA HIS A 385 -1.12 11.46 5.38
C HIS A 385 -1.03 9.97 5.65
N PRO A 386 -2.00 9.42 6.40
CA PRO A 386 -1.94 8.02 6.82
C PRO A 386 -2.42 7.01 5.78
N LEU A 387 -1.83 5.80 5.85
CA LEU A 387 -2.25 4.63 5.07
C LEU A 387 -3.67 4.19 5.43
N SER A 388 -4.02 4.35 6.71
CA SER A 388 -5.27 3.88 7.29
C SER A 388 -5.67 4.84 8.42
N ARG A 389 -6.96 5.07 8.68
CA ARG A 389 -7.33 5.87 9.83
C ARG A 389 -8.50 5.22 10.58
N PRO A 390 -8.20 4.20 11.43
CA PRO A 390 -9.24 3.47 12.14
C PRO A 390 -9.94 4.36 13.14
N VAL A 391 -11.27 4.28 13.12
CA VAL A 391 -12.07 5.01 14.10
C VAL A 391 -13.21 4.11 14.59
N LEU A 392 -13.78 4.49 15.74
CA LEU A 392 -15.06 3.99 16.19
C LEU A 392 -16.05 5.15 16.09
N LEU A 393 -17.13 4.95 15.34
CA LEU A 393 -18.08 6.01 15.07
C LEU A 393 -19.00 6.25 16.26
N ARG A 394 -19.50 5.17 16.88
CA ARG A 394 -20.54 5.32 17.89
C ARG A 394 -20.11 4.62 19.18
N LYS A 395 -18.91 4.92 19.66
CA LYS A 395 -18.29 4.13 20.73
C LYS A 395 -19.32 3.84 21.84
N ARG B 1 27.39 -23.96 -12.74
CA ARG B 1 27.44 -22.60 -13.36
C ARG B 1 26.02 -22.08 -13.60
N PRO B 2 25.24 -21.74 -12.54
CA PRO B 2 23.80 -21.55 -12.66
C PRO B 2 23.41 -20.29 -13.41
N HIS B 3 22.20 -20.26 -13.97
CA HIS B 3 21.56 -19.06 -14.49
C HIS B 3 21.15 -18.16 -13.33
N THR B 4 20.85 -16.89 -13.63
CA THR B 4 20.52 -15.93 -12.59
C THR B 4 19.19 -15.25 -12.90
N VAL B 5 18.39 -15.03 -11.84
CA VAL B 5 17.17 -14.25 -11.93
C VAL B 5 17.33 -13.03 -11.04
N TYR B 6 17.28 -11.82 -11.63
CA TYR B 6 17.45 -10.57 -10.89
C TYR B 6 16.08 -10.03 -10.48
N LEU B 7 15.88 -9.79 -9.18
CA LEU B 7 14.58 -9.33 -8.70
C LEU B 7 14.69 -7.96 -8.03
N ASP B 8 13.69 -7.12 -8.26
CA ASP B 8 13.56 -5.83 -7.59
C ASP B 8 12.07 -5.44 -7.56
N PRO B 9 11.34 -5.64 -6.44
CA PRO B 9 9.92 -5.25 -6.35
C PRO B 9 9.63 -3.74 -6.40
N ALA B 10 10.67 -2.90 -6.27
CA ALA B 10 10.55 -1.48 -6.53
C ALA B 10 10.32 -1.23 -8.03
N LYS B 11 10.97 -2.01 -8.91
CA LYS B 11 10.78 -1.88 -10.36
C LYS B 11 9.59 -2.72 -10.84
N GLY B 12 8.45 -2.62 -10.14
CA GLY B 12 7.27 -3.43 -10.43
C GLY B 12 7.40 -4.86 -9.88
N VAL B 13 6.26 -5.53 -9.80
CA VAL B 13 6.17 -6.95 -9.51
C VAL B 13 5.37 -7.57 -10.65
N ASP B 14 5.83 -8.72 -11.14
CA ASP B 14 5.13 -9.48 -12.15
C ASP B 14 5.31 -10.96 -11.85
N ILE B 15 4.41 -11.47 -11.02
CA ILE B 15 4.48 -12.85 -10.57
C ILE B 15 4.41 -13.81 -11.77
N PRO B 16 3.45 -13.69 -12.73
CA PRO B 16 3.44 -14.60 -13.89
C PRO B 16 4.79 -14.67 -14.59
N ALA B 17 5.43 -13.52 -14.83
CA ALA B 17 6.75 -13.49 -15.48
C ALA B 17 7.80 -14.15 -14.58
N GLN B 18 7.72 -13.85 -13.30
CA GLN B 18 8.68 -14.34 -12.33
C GLN B 18 8.61 -15.86 -12.23
N ARG B 19 7.38 -16.40 -12.18
CA ARG B 19 7.20 -17.85 -12.17
C ARG B 19 7.79 -18.49 -13.42
N ARG B 20 7.45 -17.94 -14.59
CA ARG B 20 7.98 -18.44 -15.85
C ARG B 20 9.51 -18.45 -15.85
N GLU B 21 10.12 -17.31 -15.51
CA GLU B 21 11.57 -17.21 -15.54
C GLU B 21 12.24 -18.19 -14.55
N LEU B 22 11.68 -18.33 -13.35
CA LEU B 22 12.26 -19.19 -12.32
C LEU B 22 12.21 -20.65 -12.79
N LEU B 23 11.08 -21.07 -13.38
CA LEU B 23 10.91 -22.41 -13.92
C LEU B 23 11.89 -22.62 -15.08
N ASP B 24 11.89 -21.70 -16.07
CA ASP B 24 12.75 -21.80 -17.24
C ASP B 24 14.22 -21.91 -16.87
N LYS B 25 14.69 -21.24 -15.82
CA LYS B 25 16.12 -21.21 -15.56
C LYS B 25 16.61 -22.45 -14.79
N GLY B 26 16.23 -23.66 -15.28
CA GLY B 26 16.56 -24.97 -14.71
C GLY B 26 15.97 -25.05 -13.32
N PRO B 27 16.00 -26.23 -12.65
CA PRO B 27 15.48 -26.36 -11.28
C PRO B 27 16.26 -25.59 -10.22
N VAL B 28 17.55 -25.40 -10.46
CA VAL B 28 18.44 -24.73 -9.53
C VAL B 28 18.87 -23.44 -10.18
N VAL B 29 18.53 -22.31 -9.54
CA VAL B 29 18.83 -21.00 -10.10
C VAL B 29 19.41 -20.14 -8.99
N ARG B 30 20.21 -19.15 -9.40
CA ARG B 30 20.61 -18.09 -8.49
C ARG B 30 19.60 -16.95 -8.59
N VAL B 31 19.25 -16.39 -7.44
CA VAL B 31 18.32 -15.27 -7.38
C VAL B 31 19.05 -14.10 -6.70
N ALA B 32 19.24 -12.99 -7.45
CA ALA B 32 19.89 -11.78 -6.93
C ALA B 32 18.86 -10.73 -6.56
N PHE B 33 18.94 -10.25 -5.30
CA PHE B 33 18.15 -9.14 -4.83
C PHE B 33 18.97 -7.84 -4.80
N PRO B 34 18.31 -6.66 -4.60
CA PRO B 34 18.97 -5.42 -4.17
C PRO B 34 19.78 -5.67 -2.91
N GLY B 35 20.56 -4.69 -2.46
CA GLY B 35 21.69 -4.98 -1.59
C GLY B 35 22.64 -5.85 -2.40
N ASN B 36 23.58 -6.53 -1.79
CA ASN B 36 24.38 -7.40 -2.64
C ASN B 36 24.09 -8.84 -2.24
N LEU B 37 22.78 -9.17 -2.21
CA LEU B 37 22.27 -10.44 -1.70
C LEU B 37 21.94 -11.34 -2.88
N GLU B 38 22.66 -12.46 -2.98
CA GLU B 38 22.34 -13.48 -3.94
C GLU B 38 22.23 -14.83 -3.25
N VAL B 39 21.23 -15.62 -3.64
CA VAL B 39 20.97 -16.91 -3.00
C VAL B 39 20.55 -17.90 -4.08
N TRP B 40 20.14 -19.09 -3.65
CA TRP B 40 19.61 -20.08 -4.58
C TRP B 40 18.09 -20.09 -4.53
N ALA B 41 17.51 -20.73 -5.55
CA ALA B 41 16.11 -21.10 -5.52
C ALA B 41 15.97 -22.47 -6.16
N LEU B 42 15.09 -23.28 -5.59
CA LEU B 42 14.66 -24.53 -6.21
C LEU B 42 13.24 -24.34 -6.78
N THR B 43 13.03 -24.61 -8.08
CA THR B 43 11.85 -24.08 -8.77
C THR B 43 11.06 -25.13 -9.56
N HIS B 44 11.51 -26.39 -9.64
CA HIS B 44 10.76 -27.47 -10.30
C HIS B 44 10.19 -28.42 -9.24
N ASP B 45 9.05 -29.03 -9.56
CA ASP B 45 8.23 -29.75 -8.63
C ASP B 45 8.96 -30.94 -8.03
N ALA B 46 9.56 -31.81 -8.85
CA ALA B 46 10.16 -33.06 -8.35
C ALA B 46 11.35 -32.77 -7.40
N PRO B 47 12.39 -32.00 -7.80
CA PRO B 47 13.46 -31.65 -6.87
C PRO B 47 12.99 -30.86 -5.64
N LEU B 48 12.01 -29.97 -5.82
CA LEU B 48 11.54 -29.18 -4.69
C LEU B 48 10.84 -30.10 -3.68
N ARG B 49 9.95 -30.95 -4.16
CA ARG B 49 9.20 -31.83 -3.29
C ARG B 49 10.17 -32.73 -2.53
N ASN B 50 11.19 -33.20 -3.24
CA ASN B 50 12.21 -34.06 -2.66
C ASN B 50 12.98 -33.35 -1.55
N ALA B 51 13.42 -32.12 -1.82
CA ALA B 51 14.14 -31.32 -0.83
C ALA B 51 13.25 -31.11 0.38
N LEU B 52 11.97 -30.78 0.16
CA LEU B 52 11.06 -30.38 1.24
C LEU B 52 10.76 -31.52 2.20
N ALA B 53 10.92 -32.76 1.72
CA ALA B 53 10.67 -33.95 2.53
C ALA B 53 11.97 -34.40 3.21
N ASP B 54 13.14 -33.96 2.71
CA ASP B 54 14.42 -34.41 3.25
C ASP B 54 15.04 -33.35 4.16
N GLU B 55 14.63 -33.35 5.42
CA GLU B 55 15.04 -32.29 6.30
C GLU B 55 16.42 -32.50 6.91
N SER B 56 17.00 -33.70 6.77
CA SER B 56 18.37 -33.90 7.19
C SER B 56 19.34 -33.26 6.20
N VAL B 57 18.94 -33.04 4.95
CA VAL B 57 19.79 -32.43 3.93
C VAL B 57 19.43 -30.94 3.77
N PHE B 58 18.13 -30.64 3.84
CA PHE B 58 17.62 -29.29 3.69
C PHE B 58 16.93 -28.88 4.99
N VAL B 59 17.72 -28.24 5.88
CA VAL B 59 17.27 -27.90 7.21
C VAL B 59 16.65 -26.51 7.24
N ARG B 60 15.74 -26.31 8.19
CA ARG B 60 15.27 -24.98 8.54
C ARG B 60 16.21 -24.32 9.54
N GLY B 61 16.15 -22.98 9.63
CA GLY B 61 16.74 -22.25 10.74
C GLY B 61 18.03 -21.53 10.35
N TRP B 62 18.00 -20.21 10.49
CA TRP B 62 19.04 -19.29 10.01
C TRP B 62 20.43 -19.60 10.60
N ARG B 63 20.47 -20.23 11.78
CA ARG B 63 21.74 -20.59 12.40
C ARG B 63 22.53 -21.52 11.48
N ASN B 64 21.88 -22.10 10.46
CA ASN B 64 22.55 -23.01 9.53
C ASN B 64 23.06 -22.29 8.29
N TRP B 65 22.95 -20.97 8.24
CA TRP B 65 23.30 -20.26 7.01
C TRP B 65 24.73 -19.73 7.13
N ARG B 66 25.68 -20.34 6.42
CA ARG B 66 27.09 -20.10 6.63
C ARG B 66 27.42 -18.63 6.42
N ALA B 67 26.96 -18.10 5.28
CA ALA B 67 27.32 -16.75 4.84
C ALA B 67 26.78 -15.73 5.84
N LEU B 68 25.65 -16.07 6.47
CA LEU B 68 25.03 -15.17 7.44
C LEU B 68 25.87 -15.14 8.72
N MET B 69 26.26 -16.32 9.23
CA MET B 69 27.00 -16.33 10.49
C MET B 69 28.46 -15.96 10.25
N ALA B 70 28.89 -15.89 8.97
CA ALA B 70 30.23 -15.48 8.59
C ALA B 70 30.29 -14.01 8.15
N GLY B 71 29.26 -13.20 8.48
CA GLY B 71 29.23 -11.78 8.18
C GLY B 71 29.42 -11.43 6.70
N GLU B 72 29.07 -12.35 5.78
CA GLU B 72 29.18 -12.10 4.35
C GLU B 72 27.86 -11.54 3.81
N VAL B 73 26.80 -11.58 4.63
CA VAL B 73 25.51 -11.06 4.24
C VAL B 73 25.09 -10.18 5.41
N ASP B 74 24.43 -9.09 5.05
CA ASP B 74 23.92 -8.13 5.99
C ASP B 74 22.71 -8.71 6.72
N PRO B 75 22.81 -8.96 8.04
CA PRO B 75 21.66 -9.47 8.80
C PRO B 75 20.41 -8.59 8.82
N THR B 76 20.53 -7.33 8.39
CA THR B 76 19.41 -6.38 8.37
C THR B 76 18.79 -6.32 6.97
N HIS B 77 19.39 -6.99 5.99
CA HIS B 77 18.77 -7.06 4.68
C HIS B 77 17.40 -7.69 4.93
N PRO B 78 16.29 -7.07 4.46
CA PRO B 78 14.95 -7.61 4.71
C PRO B 78 14.75 -9.09 4.34
N VAL B 79 15.32 -9.50 3.23
CA VAL B 79 15.19 -10.88 2.78
C VAL B 79 16.00 -11.78 3.72
N ALA B 80 17.19 -11.34 4.15
CA ALA B 80 17.99 -12.13 5.07
C ALA B 80 17.31 -12.22 6.43
N ASN B 81 16.40 -11.26 6.72
CA ASN B 81 15.81 -11.14 8.03
C ASN B 81 14.46 -11.84 8.13
N MET B 82 13.85 -12.13 6.98
CA MET B 82 12.42 -12.47 6.97
C MET B 82 12.19 -13.72 7.82
N LEU B 83 12.98 -14.80 7.62
CA LEU B 83 12.82 -16.00 8.42
C LEU B 83 13.96 -16.19 9.42
N ARG B 84 14.57 -15.06 9.79
CA ARG B 84 15.54 -15.05 10.87
C ARG B 84 14.77 -14.98 12.20
N VAL B 85 14.10 -16.10 12.55
CA VAL B 85 13.09 -16.12 13.58
C VAL B 85 13.22 -17.44 14.34
N GLU B 86 12.38 -17.62 15.36
CA GLU B 86 12.46 -18.73 16.29
C GLU B 86 11.15 -19.48 16.38
N SER B 87 10.30 -19.39 15.35
CA SER B 87 9.04 -20.12 15.36
C SER B 87 9.27 -21.52 14.81
N MET B 88 8.20 -22.31 14.79
CA MET B 88 8.26 -23.69 14.33
C MET B 88 8.75 -23.79 12.89
N LEU B 89 8.46 -22.80 12.06
CA LEU B 89 8.74 -22.88 10.63
C LEU B 89 10.24 -22.70 10.40
N ALA B 90 10.93 -22.15 11.40
CA ALA B 90 12.37 -21.94 11.32
C ALA B 90 13.11 -22.95 12.20
N ARG B 91 12.52 -24.12 12.36
CA ARG B 91 13.14 -25.19 13.14
C ARG B 91 12.96 -26.52 12.43
N SER B 92 13.84 -27.46 12.78
CA SER B 92 13.82 -28.81 12.26
C SER B 92 14.01 -29.81 13.39
N GLY B 93 13.33 -30.95 13.29
CA GLY B 93 13.55 -32.04 14.24
C GLY B 93 12.74 -31.82 15.51
N ALA B 94 13.34 -32.20 16.64
CA ALA B 94 12.61 -32.30 17.89
C ALA B 94 11.95 -30.98 18.24
N ASP B 95 12.62 -29.85 17.98
CA ASP B 95 12.07 -28.56 18.32
C ASP B 95 10.81 -28.25 17.51
N HIS B 96 10.84 -28.60 16.22
CA HIS B 96 9.68 -28.39 15.36
C HIS B 96 8.51 -29.22 15.91
N LYS B 97 8.76 -30.52 16.13
CA LYS B 97 7.74 -31.47 16.55
C LYS B 97 7.09 -31.02 17.87
N ARG B 98 7.92 -30.56 18.81
CA ARG B 98 7.45 -30.06 20.08
C ARG B 98 6.49 -28.90 19.86
N MET B 99 6.91 -27.91 19.06
CA MET B 99 6.14 -26.67 18.97
C MET B 99 4.87 -26.96 18.18
N ARG B 100 5.01 -27.69 17.07
CA ARG B 100 3.85 -27.95 16.23
C ARG B 100 2.85 -28.81 17.00
N GLY B 101 3.35 -29.71 17.85
CA GLY B 101 2.50 -30.60 18.61
C GLY B 101 1.59 -29.85 19.59
N LEU B 102 2.09 -28.72 20.08
CA LEU B 102 1.37 -27.96 21.06
C LEU B 102 0.10 -27.34 20.47
N VAL B 103 0.10 -27.08 19.15
CA VAL B 103 -0.95 -26.24 18.59
C VAL B 103 -1.78 -27.00 17.57
N GLN B 104 -1.41 -28.23 17.27
CA GLN B 104 -2.01 -29.01 16.20
C GLN B 104 -3.51 -29.19 16.41
N ALA B 105 -3.94 -29.38 17.65
CA ALA B 105 -5.34 -29.73 17.92
C ALA B 105 -6.26 -28.70 17.26
N ALA B 106 -5.92 -27.42 17.44
CA ALA B 106 -6.78 -26.33 17.00
C ALA B 106 -6.95 -26.32 15.48
N PHE B 107 -6.15 -27.12 14.72
CA PHE B 107 -6.14 -26.99 13.27
C PHE B 107 -6.46 -28.30 12.59
N THR B 108 -6.92 -29.31 13.33
CA THR B 108 -7.26 -30.58 12.74
C THR B 108 -8.47 -30.40 11.82
N ARG B 109 -8.54 -31.25 10.79
CA ARG B 109 -9.68 -31.22 9.87
C ARG B 109 -10.99 -31.21 10.65
N ARG B 110 -11.08 -32.04 11.71
CA ARG B 110 -12.32 -32.18 12.46
C ARG B 110 -12.63 -30.96 13.32
N ARG B 111 -11.62 -30.36 13.94
CA ARG B 111 -11.83 -29.12 14.66
C ARG B 111 -12.32 -28.06 13.68
N VAL B 112 -11.68 -28.00 12.50
CA VAL B 112 -11.98 -26.97 11.50
C VAL B 112 -13.42 -27.14 11.04
N GLU B 113 -13.85 -28.39 10.84
CA GLU B 113 -15.22 -28.63 10.43
C GLU B 113 -16.21 -28.13 11.49
N ALA B 114 -15.85 -28.12 12.77
CA ALA B 114 -16.76 -27.58 13.78
C ALA B 114 -16.87 -26.06 13.69
N LEU B 115 -15.93 -25.39 12.97
CA LEU B 115 -15.97 -23.95 12.77
C LEU B 115 -16.91 -23.51 11.65
N ARG B 116 -17.42 -24.44 10.86
CA ARG B 116 -18.24 -24.13 9.70
C ARG B 116 -19.42 -23.20 10.02
N PRO B 117 -20.32 -23.49 11.00
CA PRO B 117 -21.43 -22.59 11.32
C PRO B 117 -21.03 -21.12 11.54
N ARG B 118 -19.95 -20.92 12.27
CA ARG B 118 -19.47 -19.57 12.57
C ARG B 118 -18.87 -18.93 11.30
N ILE B 119 -18.12 -19.69 10.51
CA ILE B 119 -17.57 -19.15 9.26
C ILE B 119 -18.71 -18.76 8.31
N GLU B 120 -19.77 -19.58 8.26
CA GLU B 120 -20.94 -19.29 7.43
C GLU B 120 -21.61 -18.00 7.95
N GLU B 121 -21.69 -17.83 9.27
CA GLU B 121 -22.30 -16.65 9.88
C GLU B 121 -21.48 -15.41 9.57
N ILE B 122 -20.14 -15.48 9.68
CA ILE B 122 -19.27 -14.33 9.37
C ILE B 122 -19.37 -13.98 7.88
N THR B 123 -19.38 -15.02 7.02
CA THR B 123 -19.51 -14.84 5.59
C THR B 123 -20.82 -14.11 5.25
N ASN B 124 -21.94 -14.57 5.83
CA ASN B 124 -23.29 -14.07 5.52
C ASN B 124 -23.49 -12.63 6.02
N GLU B 125 -22.90 -12.30 7.19
CA GLU B 125 -22.86 -10.92 7.68
C GLU B 125 -22.14 -9.99 6.69
N LEU B 126 -20.99 -10.42 6.17
CA LEU B 126 -20.21 -9.65 5.21
C LEU B 126 -21.00 -9.43 3.93
N LEU B 127 -21.68 -10.47 3.47
CA LEU B 127 -22.50 -10.39 2.27
C LEU B 127 -23.68 -9.43 2.47
N ASP B 128 -24.28 -9.44 3.67
CA ASP B 128 -25.34 -8.50 4.00
C ASP B 128 -24.88 -7.04 3.91
N ARG B 129 -23.69 -6.74 4.44
CA ARG B 129 -23.13 -5.41 4.37
C ARG B 129 -22.84 -5.03 2.92
N MET B 130 -22.33 -5.97 2.11
CA MET B 130 -22.07 -5.68 0.70
C MET B 130 -23.36 -5.36 -0.03
N ALA B 131 -24.47 -6.00 0.36
CA ALA B 131 -25.74 -5.77 -0.31
C ALA B 131 -26.27 -4.34 -0.09
N GLU B 132 -25.82 -3.67 1.00
CA GLU B 132 -26.19 -2.29 1.26
C GLU B 132 -25.40 -1.29 0.40
N SER B 133 -24.33 -1.73 -0.28
CA SER B 133 -23.51 -0.83 -1.10
C SER B 133 -24.08 -0.81 -2.51
N ASP B 134 -23.75 0.20 -3.34
CA ASP B 134 -24.50 0.36 -4.58
C ASP B 134 -23.63 0.27 -5.84
N GLY B 135 -22.47 0.92 -5.91
CA GLY B 135 -21.70 0.91 -7.15
C GLY B 135 -20.46 0.02 -7.03
N VAL B 136 -19.30 0.50 -7.47
CA VAL B 136 -18.07 -0.29 -7.44
C VAL B 136 -17.68 -0.53 -5.98
N VAL B 137 -17.17 -1.75 -5.70
CA VAL B 137 -16.77 -2.17 -4.36
C VAL B 137 -15.40 -2.83 -4.44
N ASP B 138 -14.53 -2.53 -3.47
CA ASP B 138 -13.28 -3.27 -3.33
C ASP B 138 -13.58 -4.58 -2.60
N LEU B 139 -13.57 -5.68 -3.36
CA LEU B 139 -13.81 -7.02 -2.81
C LEU B 139 -12.82 -7.37 -1.70
N LYS B 140 -11.58 -6.90 -1.82
CA LYS B 140 -10.56 -7.17 -0.82
C LYS B 140 -11.00 -6.60 0.52
N ALA B 141 -11.27 -5.29 0.56
CA ALA B 141 -11.69 -4.57 1.76
C ALA B 141 -13.02 -5.06 2.33
N ALA B 142 -14.00 -5.34 1.47
CA ALA B 142 -15.34 -5.79 1.88
C ALA B 142 -15.43 -7.27 2.27
N TYR B 143 -14.57 -8.12 1.70
CA TYR B 143 -14.87 -9.55 1.74
C TYR B 143 -13.63 -10.38 2.04
N SER B 144 -12.63 -10.30 1.16
CA SER B 144 -11.48 -11.19 1.14
C SER B 144 -10.66 -11.02 2.40
N PHE B 145 -10.47 -9.78 2.87
CA PHE B 145 -9.70 -9.53 4.08
C PHE B 145 -10.54 -9.80 5.33
N PRO B 146 -11.74 -9.21 5.51
CA PRO B 146 -12.43 -9.31 6.80
C PRO B 146 -12.81 -10.72 7.23
N LEU B 147 -13.12 -11.60 6.26
CA LEU B 147 -13.57 -12.95 6.60
C LEU B 147 -12.44 -13.72 7.28
N PRO B 148 -11.31 -14.05 6.62
CA PRO B 148 -10.24 -14.78 7.30
C PRO B 148 -9.71 -14.11 8.57
N ILE B 149 -9.65 -12.77 8.64
CA ILE B 149 -9.06 -12.21 9.84
C ILE B 149 -10.02 -12.40 11.02
N ARG B 150 -11.34 -12.34 10.77
CA ARG B 150 -12.34 -12.58 11.81
C ARG B 150 -12.26 -14.03 12.30
N VAL B 151 -12.07 -14.97 11.37
CA VAL B 151 -12.01 -16.37 11.71
C VAL B 151 -10.76 -16.64 12.54
N ILE B 152 -9.58 -16.24 12.06
CA ILE B 152 -8.36 -16.46 12.84
C ILE B 152 -8.39 -15.65 14.14
N SER B 153 -9.05 -14.48 14.15
CA SER B 153 -9.22 -13.69 15.36
C SER B 153 -9.90 -14.50 16.47
N GLU B 154 -10.93 -15.27 16.12
CA GLU B 154 -11.70 -15.99 17.11
C GLU B 154 -10.90 -17.20 17.56
N LEU B 155 -10.17 -17.84 16.63
CA LEU B 155 -9.37 -18.99 17.00
C LEU B 155 -8.20 -18.57 17.89
N LEU B 156 -7.54 -17.44 17.59
CA LEU B 156 -6.32 -17.06 18.30
C LEU B 156 -6.64 -16.28 19.57
N GLY B 157 -7.74 -15.53 19.53
CA GLY B 157 -8.04 -14.53 20.55
C GLY B 157 -7.38 -13.18 20.25
N LEU B 158 -7.66 -12.63 19.07
CA LEU B 158 -7.20 -11.30 18.70
C LEU B 158 -8.30 -10.29 19.01
N ASN B 159 -7.94 -9.01 19.08
CA ASN B 159 -8.89 -7.92 19.29
C ASN B 159 -9.14 -7.14 17.99
N GLU B 160 -10.42 -6.89 17.73
CA GLU B 160 -10.89 -6.23 16.53
C GLU B 160 -10.17 -4.90 16.32
N GLU B 161 -9.75 -4.22 17.38
CA GLU B 161 -9.10 -2.91 17.22
C GLU B 161 -7.71 -3.06 16.60
N ASP B 162 -7.18 -4.28 16.58
CA ASP B 162 -5.84 -4.52 16.09
C ASP B 162 -5.86 -5.15 14.69
N HIS B 163 -7.05 -5.45 14.17
CA HIS B 163 -7.20 -6.15 12.92
C HIS B 163 -6.52 -5.40 11.79
N LEU B 164 -6.79 -4.08 11.70
CA LEU B 164 -6.18 -3.27 10.65
C LEU B 164 -4.69 -3.04 10.93
N THR B 165 -4.32 -2.95 12.21
CA THR B 165 -2.91 -2.86 12.58
C THR B 165 -2.16 -4.10 12.09
N LEU B 166 -2.73 -5.27 12.35
CA LEU B 166 -2.15 -6.54 11.92
C LEU B 166 -2.05 -6.64 10.39
N GLN B 167 -3.02 -6.08 9.65
CA GLN B 167 -3.01 -6.17 8.21
C GLN B 167 -1.73 -5.50 7.69
N THR B 168 -1.44 -4.32 8.23
CA THR B 168 -0.27 -3.54 7.84
C THR B 168 1.00 -4.30 8.24
N LEU B 169 0.98 -4.85 9.45
CA LEU B 169 2.15 -5.47 10.04
C LEU B 169 2.60 -6.64 9.17
N VAL B 170 1.62 -7.47 8.80
CA VAL B 170 1.89 -8.67 8.03
C VAL B 170 2.38 -8.30 6.62
N THR B 171 1.71 -7.33 5.98
CA THR B 171 2.16 -6.86 4.67
C THR B 171 3.65 -6.47 4.75
N ARG B 172 4.03 -5.77 5.81
CA ARG B 172 5.40 -5.28 5.92
C ARG B 172 6.37 -6.46 6.03
N THR B 173 6.02 -7.46 6.87
CA THR B 173 6.87 -8.63 7.08
C THR B 173 7.02 -9.44 5.77
N LEU B 174 6.01 -9.44 4.91
CA LEU B 174 6.06 -10.22 3.69
C LEU B 174 6.55 -9.42 2.49
N SER B 175 6.77 -8.11 2.65
CA SER B 175 7.19 -7.25 1.54
C SER B 175 8.56 -7.66 1.03
N GLY B 176 9.43 -8.04 1.97
CA GLY B 176 10.83 -8.30 1.71
C GLY B 176 11.61 -7.04 1.34
N THR B 177 11.07 -5.86 1.68
CA THR B 177 11.74 -4.59 1.43
C THR B 177 11.69 -3.69 2.66
N ASP B 178 11.29 -4.22 3.82
CA ASP B 178 11.09 -3.40 5.00
C ASP B 178 12.01 -3.87 6.12
N PRO B 179 13.20 -3.26 6.33
CA PRO B 179 14.14 -3.78 7.34
C PRO B 179 13.59 -3.84 8.75
N GLU B 180 12.66 -2.93 9.11
CA GLU B 180 12.18 -2.84 10.47
C GLU B 180 10.90 -3.63 10.71
N ALA B 181 10.36 -4.33 9.72
CA ALA B 181 9.09 -5.03 9.86
C ALA B 181 9.11 -6.08 10.98
N ASN B 182 10.14 -6.96 11.03
CA ASN B 182 10.13 -8.03 12.02
C ASN B 182 10.19 -7.45 13.43
N ALA B 183 11.12 -6.51 13.64
CA ALA B 183 11.29 -5.88 14.93
C ALA B 183 10.00 -5.20 15.40
N ASP B 184 9.32 -4.44 14.51
CA ASP B 184 8.08 -3.77 14.91
C ASP B 184 7.00 -4.82 15.16
N ALA B 185 6.98 -5.90 14.37
CA ALA B 185 5.95 -6.91 14.57
C ALA B 185 6.16 -7.61 15.92
N PHE B 186 7.42 -7.88 16.27
CA PHE B 186 7.74 -8.55 17.54
C PHE B 186 7.29 -7.70 18.72
N THR B 187 7.62 -6.41 18.69
CA THR B 187 7.24 -5.55 19.81
C THR B 187 5.72 -5.48 19.85
N PHE B 188 5.07 -5.41 18.68
CA PHE B 188 3.62 -5.39 18.68
C PHE B 188 3.09 -6.63 19.38
N VAL B 189 3.53 -7.81 18.94
CA VAL B 189 2.91 -9.04 19.43
C VAL B 189 3.30 -9.29 20.89
N ALA B 190 4.51 -8.84 21.29
CA ALA B 190 4.90 -8.98 22.69
C ALA B 190 3.89 -8.25 23.59
N SER B 191 3.47 -7.06 23.19
CA SER B 191 2.45 -6.33 23.91
C SER B 191 1.13 -7.11 23.95
N LEU B 192 0.75 -7.74 22.84
CA LEU B 192 -0.48 -8.53 22.83
C LEU B 192 -0.45 -9.58 23.94
N ILE B 193 0.69 -10.30 24.04
CA ILE B 193 0.87 -11.39 24.99
C ILE B 193 0.77 -10.87 26.43
N GLU B 194 1.49 -9.77 26.72
CA GLU B 194 1.49 -9.14 28.04
C GLU B 194 0.09 -8.64 28.42
N ALA B 195 -0.68 -8.13 27.46
CA ALA B 195 -2.09 -7.80 27.71
C ALA B 195 -2.92 -9.07 27.95
N LYS B 196 -2.60 -10.14 27.21
CA LYS B 196 -3.40 -11.35 27.26
C LYS B 196 -3.16 -12.11 28.57
N ARG B 197 -1.96 -11.97 29.14
CA ARG B 197 -1.66 -12.68 30.39
C ARG B 197 -2.59 -12.15 31.48
N LYS B 198 -2.84 -10.84 31.47
CA LYS B 198 -3.76 -10.22 32.40
C LYS B 198 -5.16 -10.80 32.20
N ASN B 199 -5.61 -10.89 30.95
CA ASN B 199 -6.97 -11.31 30.67
C ASN B 199 -7.00 -12.49 29.70
N LEU B 200 -6.95 -13.70 30.27
CA LEU B 200 -6.98 -14.93 29.50
C LEU B 200 -8.38 -15.16 28.94
N ASP B 201 -8.46 -16.08 27.97
CA ASP B 201 -9.69 -16.48 27.31
C ASP B 201 -9.49 -17.93 26.86
N ASP B 202 -10.36 -18.45 26.00
CA ASP B 202 -10.24 -19.84 25.58
C ASP B 202 -9.61 -19.96 24.19
N GLY B 203 -8.94 -18.89 23.72
CA GLY B 203 -8.29 -18.90 22.41
C GLY B 203 -6.90 -19.53 22.46
N LEU B 204 -6.32 -19.77 21.28
CA LEU B 204 -5.06 -20.48 21.20
C LEU B 204 -3.89 -19.68 21.83
N ILE B 205 -3.87 -18.34 21.75
CA ILE B 205 -2.77 -17.59 22.35
C ILE B 205 -2.77 -17.82 23.87
N SER B 206 -3.97 -17.84 24.48
CA SER B 206 -4.11 -18.02 25.91
C SER B 206 -3.63 -19.43 26.30
N ALA B 207 -4.01 -20.41 25.46
CA ALA B 207 -3.65 -21.80 25.71
C ALA B 207 -2.13 -21.97 25.67
N MET B 208 -1.45 -21.25 24.76
CA MET B 208 -0.01 -21.37 24.61
C MET B 208 0.68 -20.68 25.78
N ILE B 209 0.11 -19.55 26.22
CA ILE B 209 0.56 -18.86 27.42
C ILE B 209 0.41 -19.80 28.63
N GLU B 210 -0.78 -20.36 28.83
CA GLU B 210 -1.05 -21.31 29.90
C GLU B 210 -0.11 -22.50 29.86
N ALA B 211 0.26 -22.95 28.66
CA ALA B 211 1.14 -24.12 28.50
C ALA B 211 2.57 -23.79 28.91
N ARG B 212 3.05 -22.59 28.56
CA ARG B 212 4.36 -22.15 28.99
C ARG B 212 4.40 -22.02 30.52
N ALA B 213 3.34 -21.49 31.12
CA ALA B 213 3.31 -21.25 32.56
C ALA B 213 3.38 -22.57 33.34
N GLU B 214 2.69 -23.60 32.85
CA GLU B 214 2.61 -24.91 33.49
C GLU B 214 3.97 -25.61 33.44
N ASP B 215 4.64 -25.50 32.29
CA ASP B 215 5.90 -26.18 32.04
C ASP B 215 6.76 -25.29 31.13
N GLY B 216 7.66 -24.51 31.76
CA GLY B 216 8.53 -23.59 31.06
C GLY B 216 9.35 -24.27 29.97
N ASP B 217 9.67 -25.56 30.14
CA ASP B 217 10.45 -26.33 29.18
C ASP B 217 9.67 -26.60 27.89
N ARG B 218 8.35 -26.78 28.01
CA ARG B 218 7.49 -27.05 26.85
C ARG B 218 7.63 -25.92 25.81
N LEU B 219 7.83 -24.67 26.26
CA LEU B 219 7.82 -23.52 25.36
C LEU B 219 8.52 -22.33 26.00
N SER B 220 9.59 -21.85 25.38
CA SER B 220 10.29 -20.64 25.85
C SER B 220 9.46 -19.38 25.60
N GLU B 221 9.85 -18.27 26.24
CA GLU B 221 9.22 -16.98 26.02
C GLU B 221 9.42 -16.53 24.58
N THR B 222 10.59 -16.81 24.01
CA THR B 222 10.90 -16.33 22.67
C THR B 222 10.03 -17.12 21.69
N GLU B 223 9.87 -18.41 21.97
CA GLU B 223 9.11 -19.31 21.13
C GLU B 223 7.62 -18.93 21.21
N LEU B 224 7.14 -18.54 22.40
CA LEU B 224 5.75 -18.12 22.57
C LEU B 224 5.44 -16.93 21.67
N ILE B 225 6.32 -15.91 21.70
CA ILE B 225 6.13 -14.72 20.90
C ILE B 225 6.24 -15.09 19.42
N HIS B 226 7.34 -15.72 19.01
CA HIS B 226 7.57 -15.93 17.58
C HIS B 226 6.50 -16.85 16.97
N ASN B 227 6.03 -17.85 17.71
CA ASN B 227 5.01 -18.77 17.21
C ASN B 227 3.67 -18.05 17.12
N THR B 228 3.40 -17.11 18.03
CA THR B 228 2.21 -16.31 17.94
C THR B 228 2.29 -15.50 16.66
N LEU B 229 3.44 -14.88 16.43
CA LEU B 229 3.69 -14.12 15.23
C LEU B 229 3.41 -14.98 13.99
N LEU B 230 3.97 -16.19 13.95
CA LEU B 230 3.87 -17.04 12.77
C LEU B 230 2.40 -17.34 12.43
N LEU B 231 1.59 -17.61 13.46
CA LEU B 231 0.18 -17.93 13.31
C LEU B 231 -0.58 -16.72 12.76
N ILE B 232 -0.18 -15.53 13.21
CA ILE B 232 -0.71 -14.27 12.72
C ILE B 232 -0.33 -14.08 11.25
N ILE B 233 0.94 -14.32 10.91
CA ILE B 233 1.43 -14.16 9.54
C ILE B 233 0.65 -15.09 8.62
N GLY B 234 0.50 -16.34 9.06
CA GLY B 234 -0.12 -17.33 8.19
C GLY B 234 -1.63 -17.17 8.16
N GLY B 235 -2.18 -16.64 9.25
CA GLY B 235 -3.55 -16.86 9.64
C GLY B 235 -4.62 -16.23 8.75
N PHE B 236 -4.33 -15.17 7.97
CA PHE B 236 -5.38 -14.53 7.18
C PHE B 236 -4.91 -14.12 5.79
N GLU B 237 -3.67 -13.64 5.65
CA GLU B 237 -3.19 -12.95 4.46
C GLU B 237 -3.31 -13.84 3.23
N THR B 238 -2.96 -15.13 3.33
CA THR B 238 -2.95 -16.04 2.21
C THR B 238 -4.38 -16.45 1.83
N THR B 239 -5.26 -16.62 2.83
CA THR B 239 -6.64 -16.97 2.53
C THR B 239 -7.33 -15.79 1.83
N MET B 240 -7.10 -14.58 2.38
CA MET B 240 -7.50 -13.32 1.78
C MET B 240 -7.02 -13.28 0.33
N GLY B 241 -5.72 -13.52 0.12
CA GLY B 241 -5.15 -13.51 -1.22
C GLY B 241 -5.91 -14.47 -2.14
N MET B 242 -6.16 -15.67 -1.61
CA MET B 242 -6.71 -16.76 -2.41
C MET B 242 -8.16 -16.45 -2.77
N ILE B 243 -8.92 -15.82 -1.86
CA ILE B 243 -10.29 -15.46 -2.20
C ILE B 243 -10.27 -14.55 -3.44
N SER B 244 -9.48 -13.47 -3.39
CA SER B 244 -9.43 -12.59 -4.54
C SER B 244 -8.93 -13.31 -5.79
N ASN B 245 -7.82 -14.04 -5.67
CA ASN B 245 -7.27 -14.77 -6.83
C ASN B 245 -8.32 -15.72 -7.43
N SER B 246 -9.08 -16.41 -6.55
CA SER B 246 -10.02 -17.43 -6.98
C SER B 246 -11.19 -16.78 -7.74
N VAL B 247 -11.71 -15.67 -7.21
CA VAL B 247 -12.80 -14.98 -7.85
C VAL B 247 -12.36 -14.46 -9.23
N GLN B 248 -11.17 -13.86 -9.32
CA GLN B 248 -10.63 -13.42 -10.61
C GLN B 248 -10.61 -14.54 -11.65
N LEU B 249 -10.09 -15.68 -11.21
CA LEU B 249 -9.93 -16.84 -12.08
C LEU B 249 -11.29 -17.39 -12.53
N LEU B 250 -12.26 -17.50 -11.61
CA LEU B 250 -13.57 -18.06 -11.91
C LEU B 250 -14.34 -17.13 -12.85
N LEU B 251 -14.26 -15.82 -12.62
CA LEU B 251 -15.00 -14.86 -13.45
C LEU B 251 -14.31 -14.70 -14.82
N THR B 252 -13.00 -14.96 -14.90
CA THR B 252 -12.36 -14.93 -16.21
C THR B 252 -12.49 -16.29 -16.89
N HIS B 253 -13.00 -17.32 -16.21
CA HIS B 253 -13.33 -18.57 -16.89
C HIS B 253 -14.81 -18.88 -16.71
N PRO B 254 -15.72 -18.08 -17.30
CA PRO B 254 -17.16 -18.19 -16.98
C PRO B 254 -17.82 -19.57 -17.22
N ASP B 255 -17.30 -20.34 -18.18
CA ASP B 255 -17.80 -21.68 -18.47
C ASP B 255 -17.57 -22.60 -17.25
N GLN B 256 -16.40 -22.46 -16.61
CA GLN B 256 -16.06 -23.32 -15.49
C GLN B 256 -16.92 -22.93 -14.30
N LEU B 257 -17.08 -21.61 -14.08
CA LEU B 257 -17.94 -21.13 -13.01
C LEU B 257 -19.38 -21.64 -13.21
N HIS B 258 -19.85 -21.64 -14.46
CA HIS B 258 -21.17 -22.16 -14.78
C HIS B 258 -21.35 -23.59 -14.30
N LEU B 259 -20.34 -24.44 -14.59
CA LEU B 259 -20.37 -25.83 -14.13
C LEU B 259 -20.51 -25.87 -12.61
N LEU B 260 -19.75 -25.02 -11.91
CA LEU B 260 -19.76 -25.01 -10.46
C LEU B 260 -21.15 -24.60 -9.96
N ARG B 261 -21.71 -23.56 -10.57
CA ARG B 261 -22.97 -23.01 -10.08
C ARG B 261 -24.13 -23.99 -10.32
N THR B 262 -24.02 -24.87 -11.31
CA THR B 262 -25.15 -25.76 -11.64
C THR B 262 -24.92 -27.17 -11.11
N GLY B 263 -23.91 -27.35 -10.22
CA GLY B 263 -23.66 -28.63 -9.57
C GLY B 263 -23.10 -29.68 -10.52
N GLN B 264 -22.43 -29.27 -11.61
CA GLN B 264 -21.80 -30.21 -12.54
C GLN B 264 -20.28 -30.30 -12.33
N ALA B 265 -19.78 -29.76 -11.22
CA ALA B 265 -18.35 -29.78 -10.96
C ALA B 265 -18.13 -29.46 -9.49
N SER B 266 -16.98 -29.85 -8.97
CA SER B 266 -16.73 -29.86 -7.54
C SER B 266 -16.03 -28.57 -7.09
N TRP B 267 -16.61 -27.88 -6.12
CA TRP B 267 -16.02 -26.69 -5.54
C TRP B 267 -14.66 -27.02 -4.91
N GLU B 268 -14.58 -28.17 -4.25
CA GLU B 268 -13.36 -28.63 -3.60
C GLU B 268 -12.23 -28.74 -4.61
N ASN B 269 -12.50 -29.36 -5.76
CA ASN B 269 -11.46 -29.56 -6.77
C ASN B 269 -11.07 -28.25 -7.42
N ALA B 270 -12.06 -27.38 -7.66
CA ALA B 270 -11.84 -26.08 -8.22
C ALA B 270 -10.87 -25.27 -7.36
N ILE B 271 -11.08 -25.32 -6.04
CA ILE B 271 -10.26 -24.60 -5.09
C ILE B 271 -8.83 -25.16 -5.10
N GLU B 272 -8.66 -26.48 -5.22
CA GLU B 272 -7.33 -27.05 -5.36
C GLU B 272 -6.66 -26.52 -6.64
N GLU B 273 -7.42 -26.35 -7.72
CA GLU B 273 -6.84 -25.88 -8.97
C GLU B 273 -6.52 -24.38 -8.85
N CYS B 274 -7.31 -23.61 -8.08
CA CYS B 274 -7.00 -22.21 -7.85
C CYS B 274 -5.68 -22.11 -7.05
N LEU B 275 -5.55 -22.96 -6.03
CA LEU B 275 -4.33 -23.00 -5.20
C LEU B 275 -3.10 -23.31 -6.03
N ARG B 276 -3.26 -24.19 -7.00
CA ARG B 276 -2.11 -24.53 -7.82
C ARG B 276 -1.81 -23.41 -8.80
N PHE B 277 -2.89 -22.85 -9.37
CA PHE B 277 -2.75 -22.03 -10.57
C PHE B 277 -2.24 -20.64 -10.20
N GLU B 278 -2.83 -20.04 -9.15
CA GLU B 278 -2.44 -18.73 -8.63
C GLU B 278 -2.13 -18.81 -7.14
N SER B 279 -1.10 -19.61 -6.83
CA SER B 279 -0.69 -19.81 -5.45
C SER B 279 -0.35 -18.45 -4.83
N ALA B 280 -0.92 -18.18 -3.65
CA ALA B 280 -0.70 -16.94 -2.92
C ALA B 280 0.74 -16.83 -2.41
N VAL B 281 1.41 -17.93 -2.07
CA VAL B 281 2.82 -17.91 -1.68
C VAL B 281 3.62 -18.40 -2.87
N VAL B 282 4.41 -17.50 -3.48
CA VAL B 282 5.17 -17.80 -4.67
C VAL B 282 6.48 -18.51 -4.27
N MET B 283 7.17 -17.96 -3.27
CA MET B 283 8.39 -18.53 -2.73
C MET B 283 8.64 -17.94 -1.35
N LEU B 284 9.38 -18.67 -0.51
CA LEU B 284 9.77 -18.19 0.79
C LEU B 284 11.24 -18.52 1.07
N PRO B 285 11.91 -17.70 1.88
CA PRO B 285 13.19 -18.08 2.47
C PRO B 285 12.83 -19.14 3.50
N PHE B 286 13.87 -19.77 4.06
CA PHE B 286 14.76 -20.67 3.37
C PHE B 286 14.84 -22.10 3.87
N LEU B 287 15.37 -22.91 2.95
CA LEU B 287 16.07 -24.13 3.26
C LEU B 287 17.57 -23.86 3.30
N TYR B 288 18.29 -24.58 4.16
CA TYR B 288 19.74 -24.45 4.21
C TYR B 288 20.38 -25.84 4.08
N THR B 289 21.28 -26.00 3.13
CA THR B 289 21.92 -27.28 2.89
C THR B 289 22.81 -27.63 4.08
N THR B 290 22.71 -28.87 4.57
CA THR B 290 23.55 -29.40 5.64
C THR B 290 24.83 -30.03 5.07
N ARG B 291 24.87 -30.29 3.77
CA ARG B 291 26.03 -30.83 3.07
C ARG B 291 25.98 -30.33 1.62
N ASP B 292 27.00 -30.68 0.82
CA ASP B 292 26.98 -30.34 -0.59
C ASP B 292 25.88 -31.15 -1.24
N VAL B 293 25.09 -30.50 -2.10
CA VAL B 293 23.95 -31.15 -2.75
C VAL B 293 24.06 -30.92 -4.25
N GLU B 294 23.93 -31.98 -5.03
CA GLU B 294 24.07 -31.87 -6.45
C GLU B 294 22.72 -32.12 -7.09
N ILE B 295 22.27 -31.19 -7.94
CA ILE B 295 21.01 -31.27 -8.67
C ILE B 295 21.29 -30.80 -10.09
N ASP B 296 21.00 -31.68 -11.06
CA ASP B 296 21.09 -31.36 -12.47
C ASP B 296 22.49 -30.86 -12.86
N GLY B 297 23.52 -31.40 -12.19
CA GLY B 297 24.89 -31.05 -12.50
C GLY B 297 25.35 -29.77 -11.82
N ILE B 298 24.51 -29.18 -10.94
CA ILE B 298 24.91 -28.03 -10.17
C ILE B 298 25.02 -28.46 -8.71
N THR B 299 26.11 -28.03 -8.08
CA THR B 299 26.35 -28.31 -6.67
C THR B 299 25.96 -27.08 -5.87
N ILE B 300 25.06 -27.25 -4.89
CA ILE B 300 24.79 -26.21 -3.93
C ILE B 300 25.69 -26.49 -2.72
N PRO B 301 26.64 -25.60 -2.38
CA PRO B 301 27.60 -25.90 -1.32
C PRO B 301 26.85 -25.96 0.00
N ALA B 302 27.42 -26.76 0.92
CA ALA B 302 26.93 -26.86 2.27
C ALA B 302 26.84 -25.48 2.87
N GLY B 303 25.75 -25.23 3.61
CA GLY B 303 25.57 -23.99 4.35
C GLY B 303 24.86 -22.89 3.56
N ASP B 304 24.45 -23.18 2.32
CA ASP B 304 23.85 -22.16 1.47
C ASP B 304 22.33 -22.07 1.65
N ALA B 305 21.82 -20.86 1.37
CA ALA B 305 20.39 -20.56 1.52
C ALA B 305 19.68 -20.76 0.19
N VAL B 306 18.47 -21.36 0.28
CA VAL B 306 17.72 -21.80 -0.89
C VAL B 306 16.28 -21.35 -0.75
N LEU B 307 15.80 -20.50 -1.66
CA LEU B 307 14.39 -20.14 -1.74
C LEU B 307 13.56 -21.36 -2.14
N ILE B 308 12.39 -21.47 -1.54
CA ILE B 308 11.46 -22.56 -1.80
C ILE B 308 10.43 -22.07 -2.83
N GLY B 309 10.54 -22.50 -4.10
CA GLY B 309 9.71 -21.98 -5.18
C GLY B 309 8.40 -22.74 -5.40
N PHE B 310 7.45 -22.56 -4.48
CA PHE B 310 6.16 -23.23 -4.57
C PHE B 310 5.44 -22.86 -5.86
N GLY B 311 5.44 -21.56 -6.19
CA GLY B 311 4.69 -21.04 -7.33
C GLY B 311 5.18 -21.57 -8.68
N PRO B 312 6.49 -21.44 -9.02
CA PRO B 312 7.00 -22.02 -10.24
C PRO B 312 6.79 -23.54 -10.33
N ALA B 313 7.01 -24.25 -9.22
CA ALA B 313 6.79 -25.68 -9.21
C ALA B 313 5.33 -26.02 -9.55
N ASN B 314 4.38 -25.14 -9.22
CA ASN B 314 2.96 -25.39 -9.45
C ASN B 314 2.57 -25.19 -10.92
N ARG B 315 3.48 -24.66 -11.72
CA ARG B 315 3.27 -24.47 -13.14
C ARG B 315 4.20 -25.36 -13.96
N ASP B 316 4.88 -26.32 -13.32
CA ASP B 316 5.82 -27.22 -13.97
C ASP B 316 5.13 -28.23 -14.91
N PRO B 317 5.44 -28.23 -16.22
CA PRO B 317 4.90 -29.22 -17.17
C PRO B 317 5.26 -30.69 -16.88
N GLN B 318 6.33 -30.93 -16.11
CA GLN B 318 6.68 -32.28 -15.70
C GLN B 318 5.66 -32.80 -14.68
N ALA B 319 5.06 -31.87 -13.92
CA ALA B 319 4.14 -32.23 -12.87
C ALA B 319 2.70 -32.21 -13.40
N TYR B 320 2.38 -31.28 -14.32
CA TYR B 320 1.01 -31.13 -14.79
C TYR B 320 1.00 -30.99 -16.29
N ASP B 321 0.05 -31.71 -16.92
CA ASP B 321 -0.16 -31.57 -18.35
C ASP B 321 -0.84 -30.23 -18.61
N ASP B 322 -0.29 -29.43 -19.53
CA ASP B 322 -0.88 -28.14 -19.86
C ASP B 322 -0.93 -27.26 -18.59
N PRO B 323 0.22 -26.99 -17.95
CA PRO B 323 0.24 -26.34 -16.64
C PRO B 323 -0.31 -24.93 -16.62
N ASP B 324 -0.19 -24.24 -17.75
CA ASP B 324 -0.59 -22.84 -17.86
C ASP B 324 -2.06 -22.69 -18.28
N ARG B 325 -2.79 -23.80 -18.21
CA ARG B 325 -4.25 -23.74 -18.37
C ARG B 325 -4.94 -23.93 -17.03
N PHE B 326 -5.87 -23.03 -16.69
CA PHE B 326 -6.74 -23.22 -15.53
C PHE B 326 -7.88 -24.16 -15.93
N ASP B 327 -8.04 -25.24 -15.18
CA ASP B 327 -8.96 -26.32 -15.51
C ASP B 327 -9.45 -26.95 -14.20
N ILE B 328 -10.65 -26.55 -13.75
CA ILE B 328 -11.16 -26.99 -12.47
C ILE B 328 -11.52 -28.48 -12.48
N THR B 329 -11.44 -29.17 -13.63
CA THR B 329 -11.82 -30.57 -13.68
C THR B 329 -10.59 -31.47 -13.68
N ARG B 330 -9.40 -30.84 -13.67
CA ARG B 330 -8.12 -31.50 -13.72
C ARG B 330 -8.05 -32.47 -12.55
N PRO B 331 -7.38 -33.64 -12.73
CA PRO B 331 -7.15 -34.58 -11.62
C PRO B 331 -6.63 -33.84 -10.40
N ARG B 332 -7.25 -34.05 -9.23
CA ARG B 332 -6.99 -33.25 -8.05
C ARG B 332 -5.48 -32.97 -7.95
N PRO B 333 -5.05 -31.73 -8.20
CA PRO B 333 -3.62 -31.47 -8.37
C PRO B 333 -2.87 -31.57 -7.04
N ARG B 334 -1.82 -32.40 -7.03
CA ARG B 334 -0.96 -32.55 -5.86
C ARG B 334 0.06 -31.40 -5.82
N HIS B 335 -0.45 -30.20 -5.51
CA HIS B 335 0.29 -28.96 -5.64
C HIS B 335 1.13 -28.68 -4.37
N LEU B 336 2.07 -27.74 -4.49
CA LEU B 336 2.88 -27.30 -3.36
C LEU B 336 2.45 -25.91 -2.86
N ALA B 337 1.20 -25.49 -3.07
CA ALA B 337 0.74 -24.22 -2.54
C ALA B 337 0.72 -24.19 -1.00
N PHE B 338 0.59 -25.36 -0.36
CA PHE B 338 0.65 -25.46 1.09
C PHE B 338 1.99 -26.07 1.51
N GLY B 339 2.92 -26.24 0.56
CA GLY B 339 4.20 -26.85 0.88
C GLY B 339 4.14 -28.38 0.90
N HIS B 340 5.01 -29.03 1.70
CA HIS B 340 5.28 -30.46 1.59
C HIS B 340 6.20 -30.90 2.74
N GLY B 341 5.98 -32.13 3.25
CA GLY B 341 6.81 -32.69 4.30
C GLY B 341 6.37 -32.18 5.68
N ALA B 342 7.34 -32.03 6.58
CA ALA B 342 7.10 -31.74 7.99
C ALA B 342 6.40 -30.40 8.20
N HIS B 343 6.69 -29.40 7.36
CA HIS B 343 6.15 -28.05 7.53
C HIS B 343 4.96 -27.79 6.60
N LEU B 344 4.36 -28.85 6.05
CA LEU B 344 3.12 -28.72 5.31
C LEU B 344 2.15 -27.83 6.09
N CYS B 345 1.52 -26.85 5.41
CA CYS B 345 0.71 -25.82 6.06
C CYS B 345 -0.12 -26.34 7.23
N LEU B 346 0.15 -25.85 8.45
CA LEU B 346 -0.71 -26.13 9.60
C LEU B 346 -2.17 -25.76 9.31
N GLY B 347 -2.36 -24.62 8.65
CA GLY B 347 -3.69 -24.07 8.42
C GLY B 347 -4.41 -24.56 7.17
N ALA B 348 -3.93 -25.64 6.53
CA ALA B 348 -4.40 -26.00 5.20
C ALA B 348 -5.89 -26.39 5.19
N ALA B 349 -6.35 -27.07 6.25
CA ALA B 349 -7.75 -27.48 6.28
C ALA B 349 -8.61 -26.25 6.58
N LEU B 350 -8.10 -25.35 7.43
CA LEU B 350 -8.85 -24.14 7.73
C LEU B 350 -9.01 -23.28 6.47
N ALA B 351 -7.96 -23.15 5.66
CA ALA B 351 -8.06 -22.34 4.43
C ALA B 351 -9.03 -22.99 3.45
N ARG B 352 -8.98 -24.32 3.33
CA ARG B 352 -9.86 -25.03 2.41
C ARG B 352 -11.32 -24.86 2.81
N LEU B 353 -11.61 -24.89 4.12
CA LEU B 353 -12.96 -24.68 4.56
C LEU B 353 -13.38 -23.24 4.26
N GLU B 354 -12.54 -22.26 4.64
CA GLU B 354 -12.85 -20.87 4.40
C GLU B 354 -13.20 -20.64 2.93
N LEU B 355 -12.41 -21.20 2.00
CA LEU B 355 -12.61 -20.92 0.58
C LEU B 355 -13.88 -21.62 0.11
N LEU B 356 -14.08 -22.84 0.60
CA LEU B 356 -15.23 -23.64 0.24
C LEU B 356 -16.51 -22.92 0.68
N ILE B 357 -16.50 -22.22 1.83
CA ILE B 357 -17.67 -21.45 2.26
C ILE B 357 -17.76 -20.14 1.48
N ALA B 358 -16.62 -19.42 1.37
CA ALA B 358 -16.65 -18.04 0.93
C ALA B 358 -16.98 -17.93 -0.56
N LEU B 359 -16.47 -18.84 -1.37
CA LEU B 359 -16.53 -18.65 -2.81
C LEU B 359 -17.95 -18.92 -3.34
N PRO B 360 -18.62 -20.08 -3.07
CA PRO B 360 -19.98 -20.28 -3.54
C PRO B 360 -20.96 -19.28 -2.94
N ALA B 361 -20.74 -18.84 -1.69
CA ALA B 361 -21.67 -17.92 -1.05
C ALA B 361 -21.70 -16.58 -1.77
N LEU B 362 -20.51 -16.13 -2.20
CA LEU B 362 -20.39 -14.86 -2.89
C LEU B 362 -21.22 -14.91 -4.17
N PHE B 363 -21.02 -15.92 -4.99
CA PHE B 363 -21.71 -15.98 -6.27
C PHE B 363 -23.20 -16.30 -6.12
N GLU B 364 -23.59 -16.99 -5.04
CA GLU B 364 -25.00 -17.20 -4.72
C GLU B 364 -25.69 -15.87 -4.41
N ARG B 365 -25.08 -15.03 -3.57
CA ARG B 365 -25.69 -13.74 -3.25
C ARG B 365 -25.60 -12.76 -4.42
N PHE B 366 -24.50 -12.79 -5.20
CA PHE B 366 -24.25 -11.78 -6.22
C PHE B 366 -23.99 -12.47 -7.55
N PRO B 367 -25.01 -13.16 -8.14
CA PRO B 367 -24.78 -14.01 -9.30
C PRO B 367 -24.17 -13.29 -10.50
N ASP B 368 -24.40 -11.99 -10.63
CA ASP B 368 -24.00 -11.23 -11.80
C ASP B 368 -22.75 -10.39 -11.47
N ILE B 369 -22.07 -10.69 -10.35
CA ILE B 369 -20.81 -10.02 -10.03
C ILE B 369 -19.88 -10.01 -11.26
N THR B 370 -19.19 -8.87 -11.50
CA THR B 370 -18.20 -8.75 -12.57
C THR B 370 -16.94 -8.05 -12.04
N LEU B 371 -15.81 -8.38 -12.64
CA LEU B 371 -14.54 -7.73 -12.39
C LEU B 371 -14.58 -6.38 -13.08
N VAL B 372 -14.16 -5.30 -12.38
CA VAL B 372 -13.93 -4.04 -13.04
C VAL B 372 -12.58 -3.49 -12.58
N GLY B 373 -12.11 -2.53 -13.38
CA GLY B 373 -10.92 -1.78 -13.07
C GLY B 373 -9.69 -2.65 -13.19
N GLU B 374 -8.69 -2.27 -12.43
CA GLU B 374 -7.42 -2.96 -12.36
C GLU B 374 -7.26 -3.48 -10.95
N ALA B 375 -6.49 -4.54 -10.83
CA ALA B 375 -6.13 -5.10 -9.55
C ALA B 375 -4.61 -5.19 -9.56
N PRO B 376 -3.92 -4.09 -9.18
CA PRO B 376 -2.46 -4.08 -9.16
C PRO B 376 -1.95 -5.03 -8.07
N PRO B 377 -0.78 -5.67 -8.29
CA PRO B 377 -0.26 -6.62 -7.32
C PRO B 377 0.30 -5.99 -6.04
N THR B 378 0.13 -6.65 -4.88
CA THR B 378 0.90 -6.33 -3.70
C THR B 378 2.37 -6.35 -4.09
N PRO B 379 3.18 -5.32 -3.72
CA PRO B 379 4.56 -5.25 -4.20
C PRO B 379 5.45 -6.17 -3.35
N THR B 380 5.48 -7.45 -3.72
CA THR B 380 6.39 -8.40 -3.11
C THR B 380 6.65 -9.53 -4.10
N VAL B 381 7.89 -10.01 -4.14
CA VAL B 381 8.21 -11.13 -5.01
C VAL B 381 7.91 -12.46 -4.31
N PHE B 382 7.48 -12.39 -3.04
CA PHE B 382 7.24 -13.56 -2.22
C PHE B 382 5.79 -14.01 -2.28
N MET B 383 4.87 -13.05 -2.41
CA MET B 383 3.45 -13.29 -2.34
C MET B 383 2.80 -12.83 -3.64
N ASN B 384 1.59 -13.33 -3.89
CA ASN B 384 0.90 -13.17 -5.15
C ASN B 384 -0.59 -12.96 -4.89
N HIS B 385 -0.95 -11.69 -4.74
CA HIS B 385 -2.34 -11.30 -4.54
C HIS B 385 -2.44 -9.79 -4.70
N PRO B 386 -3.65 -9.30 -5.03
CA PRO B 386 -3.80 -7.88 -5.36
C PRO B 386 -3.93 -6.90 -4.19
N LEU B 387 -3.50 -5.66 -4.43
CA LEU B 387 -3.66 -4.57 -3.49
C LEU B 387 -5.13 -4.23 -3.31
N SER B 388 -5.90 -4.35 -4.40
CA SER B 388 -7.34 -4.12 -4.39
C SER B 388 -7.99 -5.03 -5.42
N ARG B 389 -9.30 -5.29 -5.28
CA ARG B 389 -9.99 -6.12 -6.25
C ARG B 389 -11.37 -5.51 -6.54
N PRO B 390 -11.43 -4.48 -7.41
CA PRO B 390 -12.70 -3.80 -7.69
C PRO B 390 -13.69 -4.72 -8.38
N VAL B 391 -14.92 -4.74 -7.87
CA VAL B 391 -15.99 -5.50 -8.51
C VAL B 391 -17.26 -4.64 -8.58
N LEU B 392 -18.15 -5.00 -9.50
CA LEU B 392 -19.54 -4.54 -9.51
C LEU B 392 -20.39 -5.73 -9.09
N LEU B 393 -21.14 -5.60 -8.00
CA LEU B 393 -21.93 -6.71 -7.49
C LEU B 393 -23.18 -6.94 -8.37
N ARG B 394 -23.78 -5.87 -8.91
CA ARG B 394 -25.00 -6.04 -9.70
C ARG B 394 -24.84 -5.45 -11.09
N LYS B 395 -25.44 -6.13 -12.08
CA LYS B 395 -25.20 -5.85 -13.49
C LYS B 395 -25.06 -4.34 -13.72
#